data_1C82
#
_entry.id   1C82
#
_cell.length_a   83.55
_cell.length_b   104.19
_cell.length_c   99.88
_cell.angle_alpha   90.00
_cell.angle_beta   90.00
_cell.angle_gamma   90.00
#
_symmetry.space_group_name_H-M   'P 21 21 21'
#
loop_
_entity.id
_entity.type
_entity.pdbx_description
1 polymer 'HYALURONATE LYASE'
2 branched '4-deoxy-alpha-L-threo-hex-4-enopyranuronic acid-(1-3)-2-acetamido-2-deoxy-beta-D-glucopyranose'
3 non-polymer 'CACODYLATE ION'
4 non-polymer 'SODIUM ION'
5 water water
#
_entity_poly.entity_id   1
_entity_poly.type   'polypeptide(L)'
_entity_poly.pdbx_seq_one_letter_code
;ASVKDTYTDRLDDWNGIIAGNQYYDSKNDQMAKLNQELEGKVADSLSSISSQADRIYLWEKFSNYKTSANLTATYRKLEE
MAKQVTNPSSRYYQDETVVRTVRDSMEWMHKHVYNSEKSIVGNWWDYEIGTPRAINNTLSLMKEYFSDEEIKKYTDVIEK
FVPDPEHFRKTTDNPFKALGGNLVDMGRVKVIAGLLRKDDQEISSTIRSIEQVFKLVDQGEGFYQDGSYIDHTNVAYTGA
YGNVLIDGLSQLLPVIQKTKNPIDKDKMQTMYHWIDKSFAPLLVNGELMDMSRGRSISRANSEGHVAAVEVLRGIHRIAD
MSEGETKQRLQSLVKTIVQSDSYYDVFKNLKTYKDISLMQSLLSDAGVASVPRTSYLSAFNKMDKTAMYNAEKGFGFGLS
LFSSRTLNYEHMNKENKRGWYTSDGMFYLYNGDLSHYSDGYWPTVNPYKMPGTTETDAKRADSDTGKVLPSAFVGTSKLD
DANATATMDFTNWNQTLTAHKSWFMLKDKIAFLGSNIQNTSTDTAATTIDQRKLESSNPYKVYVNDKEASLTEQEKDYPE
TQSVFLESSDSKKNIGYFFFKKSSISMSKALQKGAWKDINEGQSDKEVENEFLTISQAHKQNGDSYGYMLIPNVDRATFN
QMIKELESSLIENNETLQSVYDAKQGVWGIVKYDDSVSTISNQFQVLKRGVYTIRKEGDEYKIAYYNPETQESAPDQEVF
KKLEQHHHHHH
;
_entity_poly.pdbx_strand_id   A
#
# COMPACT_ATOMS: atom_id res chain seq x y z
N LYS A 4 -38.74 -14.97 -5.12
CA LYS A 4 -39.31 -14.52 -3.81
C LYS A 4 -39.73 -13.06 -3.88
N ASP A 5 -38.77 -12.15 -3.78
CA ASP A 5 -39.05 -10.71 -3.84
C ASP A 5 -37.84 -9.91 -4.33
N THR A 6 -37.90 -8.58 -4.21
CA THR A 6 -36.79 -7.73 -4.66
C THR A 6 -35.54 -7.94 -3.82
N TYR A 7 -35.73 -8.36 -2.58
CA TYR A 7 -34.59 -8.60 -1.69
C TYR A 7 -33.83 -9.81 -2.23
N THR A 8 -34.59 -10.82 -2.63
CA THR A 8 -34.02 -12.03 -3.17
C THR A 8 -33.37 -11.69 -4.51
N ASP A 9 -33.93 -10.71 -5.21
CA ASP A 9 -33.36 -10.28 -6.49
C ASP A 9 -31.99 -9.64 -6.28
N ARG A 10 -31.89 -8.76 -5.29
CA ARG A 10 -30.64 -8.09 -4.98
C ARG A 10 -29.60 -9.07 -4.50
N LEU A 11 -30.03 -10.05 -3.71
CA LEU A 11 -29.12 -11.06 -3.19
C LEU A 11 -28.62 -11.95 -4.32
N ASP A 12 -29.38 -12.01 -5.41
CA ASP A 12 -28.97 -12.81 -6.56
C ASP A 12 -27.83 -12.05 -7.21
N ASP A 13 -28.01 -10.74 -7.33
CA ASP A 13 -27.00 -9.88 -7.92
C ASP A 13 -25.73 -9.98 -7.10
N TRP A 14 -25.90 -10.02 -5.78
CA TRP A 14 -24.78 -10.11 -4.85
C TRP A 14 -24.03 -11.41 -5.04
N ASN A 15 -24.76 -12.51 -5.16
CA ASN A 15 -24.14 -13.81 -5.36
C ASN A 15 -23.36 -13.83 -6.67
N GLY A 16 -23.86 -13.12 -7.67
CA GLY A 16 -23.18 -13.07 -8.95
C GLY A 16 -21.87 -12.30 -8.86
N ILE A 17 -21.79 -11.40 -7.88
CA ILE A 17 -20.59 -10.58 -7.68
C ILE A 17 -19.57 -11.23 -6.74
N ILE A 18 -20.04 -11.83 -5.66
CA ILE A 18 -19.14 -12.44 -4.70
C ILE A 18 -18.71 -13.87 -5.00
N ALA A 19 -19.35 -14.50 -5.97
CA ALA A 19 -18.99 -15.86 -6.34
C ALA A 19 -19.01 -15.99 -7.86
N GLY A 20 -20.12 -15.59 -8.47
CA GLY A 20 -20.26 -15.63 -9.92
C GLY A 20 -20.44 -17.01 -10.55
N ASN A 21 -21.12 -17.92 -9.86
CA ASN A 21 -21.32 -19.26 -10.41
C ASN A 21 -22.03 -19.27 -11.77
N GLN A 22 -22.98 -18.37 -11.96
CA GLN A 22 -23.71 -18.30 -13.23
C GLN A 22 -22.76 -18.05 -14.39
N TYR A 23 -21.60 -17.48 -14.09
CA TYR A 23 -20.59 -17.19 -15.12
C TYR A 23 -19.55 -18.28 -15.31
N TYR A 24 -19.61 -19.33 -14.52
CA TYR A 24 -18.62 -20.39 -14.65
C TYR A 24 -18.66 -21.08 -16.01
N ASP A 25 -17.48 -21.51 -16.44
CA ASP A 25 -17.31 -22.22 -17.70
C ASP A 25 -16.14 -23.15 -17.47
N SER A 26 -16.40 -24.46 -17.53
CA SER A 26 -15.35 -25.45 -17.30
C SER A 26 -14.26 -25.42 -18.36
N LYS A 27 -14.62 -24.97 -19.56
CA LYS A 27 -13.65 -24.90 -20.64
C LYS A 27 -12.76 -23.70 -20.45
N ASN A 28 -13.12 -22.83 -19.49
CA ASN A 28 -12.35 -21.63 -19.19
C ASN A 28 -11.25 -22.00 -18.18
N ASP A 29 -10.02 -22.01 -18.65
CA ASP A 29 -8.85 -22.35 -17.84
C ASP A 29 -8.70 -21.58 -16.54
N GLN A 30 -8.72 -20.25 -16.61
CA GLN A 30 -8.58 -19.46 -15.40
C GLN A 30 -9.71 -19.77 -14.42
N MET A 31 -10.93 -19.90 -14.93
CA MET A 31 -12.08 -20.20 -14.08
C MET A 31 -11.98 -21.57 -13.43
N ALA A 32 -11.65 -22.58 -14.24
CA ALA A 32 -11.50 -23.93 -13.75
C ALA A 32 -10.45 -24.00 -12.65
N LYS A 33 -9.45 -23.11 -12.70
CA LYS A 33 -8.38 -23.07 -11.70
C LYS A 33 -8.90 -22.59 -10.33
N LEU A 34 -9.78 -21.58 -10.34
CA LEU A 34 -10.33 -21.06 -9.10
C LEU A 34 -11.32 -22.10 -8.58
N ASN A 35 -12.06 -22.71 -9.49
CA ASN A 35 -13.02 -23.73 -9.08
C ASN A 35 -12.26 -24.86 -8.40
N GLN A 36 -11.15 -25.28 -8.99
CA GLN A 36 -10.37 -26.36 -8.41
C GLN A 36 -9.81 -26.00 -7.04
N GLU A 37 -9.49 -24.73 -6.83
CA GLU A 37 -8.95 -24.31 -5.55
C GLU A 37 -10.05 -24.35 -4.51
N LEU A 38 -11.26 -23.94 -4.89
CA LEU A 38 -12.39 -23.97 -3.97
C LEU A 38 -12.78 -25.42 -3.68
N GLU A 39 -12.63 -26.28 -4.68
CA GLU A 39 -12.94 -27.69 -4.51
C GLU A 39 -12.00 -28.23 -3.46
N GLY A 40 -10.70 -27.95 -3.64
CA GLY A 40 -9.70 -28.42 -2.69
C GLY A 40 -9.92 -27.91 -1.29
N LYS A 41 -10.46 -26.69 -1.18
CA LYS A 41 -10.73 -26.05 0.11
C LYS A 41 -11.90 -26.71 0.85
N VAL A 42 -12.98 -27.02 0.14
CA VAL A 42 -14.15 -27.65 0.75
C VAL A 42 -13.85 -29.07 1.18
N ALA A 43 -13.06 -29.79 0.38
CA ALA A 43 -12.70 -31.17 0.65
C ALA A 43 -11.85 -31.28 1.91
N ASP A 44 -11.00 -30.29 2.14
CA ASP A 44 -10.15 -30.29 3.32
C ASP A 44 -10.96 -29.93 4.57
N SER A 45 -11.96 -29.07 4.40
CA SER A 45 -12.81 -28.65 5.50
C SER A 45 -13.72 -29.79 5.94
N LEU A 46 -14.42 -30.37 4.97
CA LEU A 46 -15.34 -31.48 5.21
C LEU A 46 -14.65 -32.71 5.79
N SER A 47 -13.39 -32.88 5.44
CA SER A 47 -12.62 -34.03 5.87
C SER A 47 -11.99 -33.84 7.23
N SER A 48 -11.91 -32.60 7.68
CA SER A 48 -11.31 -32.33 8.97
C SER A 48 -12.37 -31.85 9.95
N ILE A 49 -13.54 -31.47 9.44
CA ILE A 49 -14.60 -31.02 10.33
C ILE A 49 -14.88 -32.16 11.29
N SER A 50 -15.06 -31.83 12.56
CA SER A 50 -15.32 -32.83 13.57
C SER A 50 -16.72 -33.39 13.47
N SER A 51 -16.80 -34.69 13.21
CA SER A 51 -18.09 -35.38 13.13
C SER A 51 -18.44 -35.67 14.58
N GLN A 52 -18.22 -34.63 15.40
CA GLN A 52 -18.45 -34.66 16.83
C GLN A 52 -19.83 -35.02 17.35
N ALA A 53 -19.85 -35.49 18.59
CA ALA A 53 -21.09 -35.81 19.30
C ALA A 53 -21.24 -34.53 20.11
N ASP A 54 -21.14 -33.41 19.39
CA ASP A 54 -21.21 -32.05 19.93
C ASP A 54 -19.90 -31.78 20.67
N ARG A 55 -18.82 -31.70 19.90
CA ARG A 55 -17.49 -31.46 20.47
C ARG A 55 -17.27 -30.00 20.80
N ILE A 56 -16.06 -29.70 21.28
CA ILE A 56 -15.65 -28.37 21.66
C ILE A 56 -15.60 -27.44 20.45
N TYR A 57 -15.10 -27.96 19.34
CA TYR A 57 -14.95 -27.16 18.13
C TYR A 57 -15.35 -27.87 16.83
N LEU A 58 -15.40 -27.09 15.75
CA LEU A 58 -15.73 -27.61 14.44
C LEU A 58 -14.40 -27.99 13.77
N TRP A 59 -13.40 -27.14 13.92
CA TRP A 59 -12.09 -27.38 13.34
C TRP A 59 -10.98 -27.13 14.36
N GLU A 60 -10.17 -28.15 14.61
CA GLU A 60 -9.08 -28.06 15.57
C GLU A 60 -8.19 -26.87 15.31
N LYS A 61 -7.90 -26.62 14.04
CA LYS A 61 -7.04 -25.50 13.64
C LYS A 61 -7.57 -24.18 14.17
N PHE A 62 -8.90 -24.06 14.20
CA PHE A 62 -9.58 -22.87 14.69
C PHE A 62 -10.47 -23.24 15.86
N SER A 63 -9.84 -23.81 16.89
CA SER A 63 -10.55 -24.28 18.08
C SER A 63 -10.70 -23.24 19.20
N ASN A 64 -9.59 -22.62 19.59
CA ASN A 64 -9.59 -21.61 20.66
C ASN A 64 -10.50 -20.44 20.30
N TYR A 65 -11.76 -20.51 20.70
CA TYR A 65 -12.70 -19.45 20.37
C TYR A 65 -12.50 -18.15 21.15
N LYS A 66 -11.36 -18.05 21.83
CA LYS A 66 -10.98 -16.85 22.59
C LYS A 66 -10.26 -15.94 21.61
N THR A 67 -9.68 -16.57 20.59
CA THR A 67 -8.98 -15.87 19.52
C THR A 67 -10.08 -15.61 18.50
N SER A 68 -10.63 -14.41 18.50
CA SER A 68 -11.70 -14.02 17.60
C SER A 68 -11.43 -14.43 16.15
N ALA A 69 -10.15 -14.42 15.75
CA ALA A 69 -9.79 -14.78 14.39
C ALA A 69 -10.39 -16.13 13.99
N ASN A 70 -10.59 -17.01 14.98
CA ASN A 70 -11.13 -18.34 14.72
C ASN A 70 -12.63 -18.38 14.42
N LEU A 71 -13.36 -17.34 14.80
CA LEU A 71 -14.79 -17.28 14.50
C LEU A 71 -14.94 -17.00 13.00
N THR A 72 -14.21 -16.00 12.53
CA THR A 72 -14.26 -15.58 11.14
C THR A 72 -13.73 -16.67 10.19
N ALA A 73 -12.62 -17.30 10.58
CA ALA A 73 -12.03 -18.37 9.77
C ALA A 73 -13.01 -19.52 9.61
N THR A 74 -13.74 -19.82 10.69
CA THR A 74 -14.70 -20.90 10.69
C THR A 74 -15.89 -20.64 9.75
N TYR A 75 -16.51 -19.47 9.86
CA TYR A 75 -17.65 -19.11 9.02
C TYR A 75 -17.26 -18.95 7.55
N ARG A 76 -16.01 -18.58 7.31
CA ARG A 76 -15.54 -18.41 5.94
C ARG A 76 -15.45 -19.78 5.28
N LYS A 77 -15.22 -20.82 6.07
CA LYS A 77 -15.13 -22.17 5.55
C LYS A 77 -16.52 -22.58 5.08
N LEU A 78 -17.54 -22.13 5.79
CA LEU A 78 -18.92 -22.42 5.43
C LEU A 78 -19.31 -21.65 4.16
N GLU A 79 -18.76 -20.44 4.00
CA GLU A 79 -19.04 -19.65 2.82
C GLU A 79 -18.47 -20.38 1.61
N GLU A 80 -17.29 -20.97 1.76
CA GLU A 80 -16.65 -21.71 0.68
C GLU A 80 -17.54 -22.90 0.29
N MET A 81 -18.17 -23.51 1.27
CA MET A 81 -19.06 -24.65 1.03
C MET A 81 -20.31 -24.16 0.29
N ALA A 82 -20.80 -22.99 0.67
CA ALA A 82 -21.99 -22.43 0.03
C ALA A 82 -21.70 -22.09 -1.42
N LYS A 83 -20.47 -21.68 -1.71
CA LYS A 83 -20.09 -21.34 -3.07
C LYS A 83 -20.11 -22.55 -4.00
N GLN A 84 -19.59 -23.69 -3.52
CA GLN A 84 -19.55 -24.91 -4.31
C GLN A 84 -20.90 -25.62 -4.42
N VAL A 85 -21.69 -25.60 -3.35
CA VAL A 85 -23.00 -26.26 -3.36
C VAL A 85 -23.95 -25.62 -4.39
N THR A 86 -23.62 -24.39 -4.79
CA THR A 86 -24.44 -23.68 -5.77
C THR A 86 -23.73 -23.58 -7.13
N ASN A 87 -22.65 -24.33 -7.28
CA ASN A 87 -21.87 -24.36 -8.53
C ASN A 87 -22.16 -25.67 -9.25
N PRO A 88 -22.99 -25.64 -10.32
CA PRO A 88 -23.33 -26.84 -11.08
C PRO A 88 -22.15 -27.71 -11.51
N SER A 89 -20.98 -27.09 -11.62
CA SER A 89 -19.77 -27.78 -12.05
C SER A 89 -18.94 -28.33 -10.91
N SER A 90 -19.36 -28.06 -9.68
CA SER A 90 -18.60 -28.56 -8.54
C SER A 90 -19.06 -29.95 -8.17
N ARG A 91 -18.14 -30.73 -7.64
CA ARG A 91 -18.47 -32.08 -7.25
C ARG A 91 -19.41 -32.04 -6.05
N TYR A 92 -19.53 -30.86 -5.44
CA TYR A 92 -20.41 -30.70 -4.28
C TYR A 92 -21.72 -30.02 -4.63
N TYR A 93 -22.00 -29.90 -5.92
CA TYR A 93 -23.24 -29.27 -6.33
C TYR A 93 -24.43 -30.00 -5.73
N GLN A 94 -25.25 -29.27 -5.00
CA GLN A 94 -26.45 -29.84 -4.38
C GLN A 94 -26.16 -31.09 -3.54
N ASP A 95 -24.93 -31.22 -3.07
CA ASP A 95 -24.55 -32.37 -2.26
C ASP A 95 -25.22 -32.32 -0.88
N GLU A 96 -26.03 -33.34 -0.59
CA GLU A 96 -26.78 -33.44 0.68
C GLU A 96 -25.96 -33.28 1.95
N THR A 97 -24.77 -33.88 1.98
CA THR A 97 -23.96 -33.76 3.18
C THR A 97 -23.34 -32.38 3.35
N VAL A 98 -23.12 -31.65 2.25
CA VAL A 98 -22.53 -30.32 2.36
C VAL A 98 -23.60 -29.33 2.79
N VAL A 99 -24.81 -29.53 2.28
CA VAL A 99 -25.94 -28.67 2.63
C VAL A 99 -26.21 -28.84 4.13
N ARG A 100 -26.08 -30.07 4.63
CA ARG A 100 -26.31 -30.37 6.04
C ARG A 100 -25.15 -29.90 6.90
N THR A 101 -23.94 -30.04 6.42
CA THR A 101 -22.79 -29.60 7.17
C THR A 101 -22.88 -28.09 7.39
N VAL A 102 -23.26 -27.35 6.35
CA VAL A 102 -23.38 -25.91 6.47
C VAL A 102 -24.54 -25.54 7.41
N ARG A 103 -25.66 -26.25 7.32
CA ARG A 103 -26.80 -25.95 8.17
C ARG A 103 -26.59 -26.29 9.65
N ASP A 104 -25.94 -27.42 9.90
CA ASP A 104 -25.68 -27.85 11.27
C ASP A 104 -24.55 -27.03 11.88
N SER A 105 -23.63 -26.58 11.02
CA SER A 105 -22.49 -25.80 11.49
C SER A 105 -22.97 -24.43 11.93
N MET A 106 -23.96 -23.89 11.23
CA MET A 106 -24.52 -22.59 11.56
C MET A 106 -25.26 -22.69 12.90
N GLU A 107 -26.08 -23.73 13.04
CA GLU A 107 -26.83 -23.95 14.27
C GLU A 107 -25.88 -24.14 15.43
N TRP A 108 -24.79 -24.87 15.19
CA TRP A 108 -23.83 -25.11 16.25
C TRP A 108 -23.07 -23.86 16.68
N MET A 109 -22.47 -23.14 15.72
CA MET A 109 -21.74 -21.92 16.05
C MET A 109 -22.65 -20.90 16.71
N HIS A 110 -23.89 -20.87 16.27
CA HIS A 110 -24.89 -19.96 16.81
C HIS A 110 -25.34 -20.44 18.19
N LYS A 111 -24.98 -21.68 18.52
CA LYS A 111 -25.34 -22.28 19.79
C LYS A 111 -24.37 -22.01 20.93
N HIS A 112 -23.09 -22.26 20.69
CA HIS A 112 -22.10 -22.06 21.73
C HIS A 112 -20.93 -21.16 21.39
N VAL A 113 -21.03 -20.36 20.32
CA VAL A 113 -19.90 -19.50 19.99
C VAL A 113 -20.26 -18.06 19.65
N TYR A 114 -21.09 -17.89 18.63
CA TYR A 114 -21.46 -16.57 18.16
C TYR A 114 -22.96 -16.31 18.19
N ASN A 115 -23.42 -15.60 19.21
CA ASN A 115 -24.83 -15.27 19.36
C ASN A 115 -24.99 -13.93 20.10
N SER A 116 -26.22 -13.42 20.13
CA SER A 116 -26.53 -12.15 20.80
C SER A 116 -26.16 -12.05 22.29
N GLU A 117 -26.25 -13.16 23.01
CA GLU A 117 -25.95 -13.14 24.43
C GLU A 117 -24.45 -13.21 24.67
N LYS A 118 -23.68 -13.01 23.60
CA LYS A 118 -22.22 -13.05 23.68
C LYS A 118 -21.63 -11.65 23.66
N SER A 119 -20.37 -11.56 24.07
CA SER A 119 -19.65 -10.30 24.10
C SER A 119 -18.38 -10.46 23.29
N ILE A 120 -17.86 -9.36 22.81
CA ILE A 120 -16.65 -9.39 22.03
C ILE A 120 -15.51 -9.93 22.88
N VAL A 121 -14.80 -10.90 22.33
CA VAL A 121 -13.65 -11.50 23.00
C VAL A 121 -12.52 -11.56 21.97
N GLY A 122 -11.52 -10.70 22.14
CA GLY A 122 -10.43 -10.65 21.18
C GLY A 122 -10.58 -9.43 20.31
N ASN A 123 -10.60 -9.61 19.00
CA ASN A 123 -10.72 -8.52 18.03
C ASN A 123 -12.18 -8.19 17.67
N TRP A 124 -12.56 -6.92 17.83
CA TRP A 124 -13.91 -6.46 17.53
C TRP A 124 -14.24 -6.67 16.05
N TRP A 125 -13.21 -6.53 15.21
CA TRP A 125 -13.36 -6.65 13.76
C TRP A 125 -13.98 -7.98 13.34
N ASP A 126 -13.55 -9.07 13.98
CA ASP A 126 -14.07 -10.39 13.67
C ASP A 126 -15.55 -10.51 14.05
N TYR A 127 -15.92 -9.90 15.16
CA TYR A 127 -17.29 -9.93 15.63
C TYR A 127 -18.23 -9.04 14.83
N GLU A 128 -17.71 -7.92 14.34
CA GLU A 128 -18.54 -6.97 13.60
C GLU A 128 -18.38 -6.90 12.09
N ILE A 129 -17.25 -7.34 11.55
CA ILE A 129 -17.04 -7.29 10.09
C ILE A 129 -16.72 -8.65 9.48
N GLY A 130 -15.61 -9.25 9.92
CA GLY A 130 -15.21 -10.54 9.40
C GLY A 130 -16.29 -11.61 9.42
N THR A 131 -16.79 -11.92 10.61
CA THR A 131 -17.83 -12.95 10.73
C THR A 131 -19.16 -12.58 10.09
N PRO A 132 -19.72 -11.38 10.37
CA PRO A 132 -21.00 -10.98 9.77
C PRO A 132 -21.01 -11.03 8.23
N ARG A 133 -19.86 -10.76 7.62
CA ARG A 133 -19.74 -10.79 6.16
C ARG A 133 -19.81 -12.25 5.69
N ALA A 134 -19.05 -13.12 6.33
CA ALA A 134 -19.01 -14.56 6.00
C ALA A 134 -20.38 -15.23 6.17
N ILE A 135 -21.14 -14.78 7.18
CA ILE A 135 -22.48 -15.28 7.48
C ILE A 135 -23.46 -14.77 6.44
N ASN A 136 -23.40 -13.47 6.16
CA ASN A 136 -24.27 -12.87 5.16
C ASN A 136 -24.07 -13.59 3.83
N ASN A 137 -22.81 -13.74 3.42
CA ASN A 137 -22.50 -14.39 2.15
C ASN A 137 -22.96 -15.83 2.11
N THR A 138 -22.76 -16.55 3.21
CA THR A 138 -23.17 -17.94 3.27
C THR A 138 -24.70 -18.08 3.11
N LEU A 139 -25.45 -17.27 3.84
CA LEU A 139 -26.92 -17.31 3.77
C LEU A 139 -27.44 -16.83 2.42
N SER A 140 -26.79 -15.82 1.84
CA SER A 140 -27.21 -15.27 0.55
C SER A 140 -27.05 -16.31 -0.55
N LEU A 141 -25.90 -16.97 -0.56
CA LEU A 141 -25.62 -17.99 -1.57
C LEU A 141 -26.55 -19.17 -1.42
N MET A 142 -26.76 -19.60 -0.17
CA MET A 142 -27.61 -20.75 0.13
C MET A 142 -28.98 -20.36 0.67
N LYS A 143 -29.50 -19.23 0.22
CA LYS A 143 -30.80 -18.78 0.70
C LYS A 143 -31.94 -19.73 0.29
N GLU A 144 -31.66 -20.61 -0.68
CA GLU A 144 -32.66 -21.56 -1.16
C GLU A 144 -32.70 -22.82 -0.31
N TYR A 145 -31.82 -22.90 0.68
CA TYR A 145 -31.77 -24.05 1.58
C TYR A 145 -32.09 -23.61 3.02
N PHE A 146 -32.32 -22.31 3.21
CA PHE A 146 -32.63 -21.78 4.51
C PHE A 146 -34.02 -21.12 4.49
N SER A 147 -34.65 -21.07 5.66
CA SER A 147 -35.96 -20.45 5.76
C SER A 147 -35.74 -19.00 6.15
N ASP A 148 -36.69 -18.13 5.81
CA ASP A 148 -36.57 -16.73 6.14
C ASP A 148 -36.39 -16.57 7.64
N GLU A 149 -37.11 -17.38 8.40
CA GLU A 149 -37.01 -17.33 9.85
C GLU A 149 -35.63 -17.77 10.32
N GLU A 150 -35.02 -18.72 9.61
CA GLU A 150 -33.70 -19.21 9.97
C GLU A 150 -32.65 -18.16 9.66
N ILE A 151 -32.85 -17.50 8.53
CA ILE A 151 -31.94 -16.45 8.10
C ILE A 151 -31.95 -15.31 9.12
N LYS A 152 -33.14 -14.86 9.50
CA LYS A 152 -33.25 -13.79 10.48
C LYS A 152 -32.60 -14.26 11.76
N LYS A 153 -32.87 -15.51 12.11
CA LYS A 153 -32.31 -16.06 13.34
C LYS A 153 -30.80 -15.98 13.34
N TYR A 154 -30.21 -16.34 12.22
CA TYR A 154 -28.76 -16.33 12.11
C TYR A 154 -28.13 -14.96 11.89
N THR A 155 -28.95 -13.95 11.61
CA THR A 155 -28.43 -12.61 11.40
C THR A 155 -28.70 -11.66 12.59
N ASP A 156 -29.55 -12.09 13.51
CA ASP A 156 -29.88 -11.27 14.68
C ASP A 156 -28.61 -10.84 15.43
N VAL A 157 -27.69 -11.79 15.58
CA VAL A 157 -26.42 -11.57 16.26
C VAL A 157 -25.61 -10.44 15.63
N ILE A 158 -25.85 -10.21 14.33
CA ILE A 158 -25.16 -9.16 13.62
C ILE A 158 -25.83 -7.85 14.02
N GLU A 159 -27.15 -7.92 14.18
CA GLU A 159 -27.91 -6.74 14.56
C GLU A 159 -27.54 -6.33 15.97
N LYS A 160 -27.13 -7.28 16.79
CA LYS A 160 -26.77 -6.98 18.16
C LYS A 160 -25.39 -6.34 18.24
N PHE A 161 -24.43 -6.90 17.50
CA PHE A 161 -23.08 -6.38 17.53
C PHE A 161 -22.92 -5.16 16.63
N VAL A 162 -23.76 -5.06 15.61
CA VAL A 162 -23.68 -3.95 14.69
C VAL A 162 -25.05 -3.36 14.36
N PRO A 163 -25.67 -2.66 15.32
CA PRO A 163 -26.99 -2.06 15.15
C PRO A 163 -26.96 -0.67 14.50
N ASP A 164 -25.84 0.03 14.66
CA ASP A 164 -25.68 1.38 14.14
C ASP A 164 -24.74 1.43 12.95
N PRO A 165 -25.28 1.80 11.77
CA PRO A 165 -24.47 1.89 10.55
C PRO A 165 -23.42 3.01 10.56
N GLU A 166 -23.43 3.83 11.59
CA GLU A 166 -22.50 4.95 11.66
C GLU A 166 -21.33 4.73 12.60
N HIS A 167 -21.48 3.78 13.54
CA HIS A 167 -20.41 3.53 14.50
C HIS A 167 -20.04 2.06 14.60
N PHE A 168 -18.82 1.80 15.08
CA PHE A 168 -18.32 0.43 15.26
C PHE A 168 -17.95 0.29 16.75
N ARG A 169 -17.75 -0.96 17.19
CA ARG A 169 -17.41 -1.24 18.58
C ARG A 169 -18.51 -0.65 19.46
N LYS A 170 -19.73 -0.70 18.92
CA LYS A 170 -20.90 -0.16 19.60
C LYS A 170 -21.19 -0.81 20.94
N THR A 171 -21.07 -2.14 21.02
CA THR A 171 -21.33 -2.84 22.27
C THR A 171 -20.18 -2.71 23.27
N THR A 172 -19.18 -1.89 22.94
CA THR A 172 -18.04 -1.67 23.82
C THR A 172 -18.12 -0.32 24.56
N ASP A 173 -17.13 -0.05 25.39
CA ASP A 173 -17.09 1.17 26.18
C ASP A 173 -16.66 2.41 25.39
N ASN A 174 -15.94 2.20 24.29
CA ASN A 174 -15.47 3.33 23.49
C ASN A 174 -15.60 3.05 22.00
N PRO A 175 -16.80 3.20 21.45
CA PRO A 175 -17.10 2.99 20.03
C PRO A 175 -16.50 4.12 19.18
N PHE A 176 -16.39 3.88 17.88
CA PHE A 176 -15.82 4.90 17.00
C PHE A 176 -16.65 5.13 15.74
N LYS A 177 -16.48 6.30 15.14
CA LYS A 177 -17.22 6.62 13.93
C LYS A 177 -16.67 5.79 12.78
N ALA A 178 -17.55 5.26 11.94
CA ALA A 178 -17.12 4.45 10.81
C ALA A 178 -16.86 5.34 9.59
N LEU A 179 -15.68 5.19 8.99
CA LEU A 179 -15.33 5.96 7.81
C LEU A 179 -14.43 5.12 6.92
N GLY A 180 -14.22 5.60 5.70
CA GLY A 180 -13.36 4.93 4.76
C GLY A 180 -13.59 3.45 4.61
N GLY A 181 -12.49 2.69 4.62
CA GLY A 181 -12.56 1.25 4.47
C GLY A 181 -13.51 0.56 5.43
N ASN A 182 -13.44 0.89 6.71
CA ASN A 182 -14.32 0.28 7.70
C ASN A 182 -15.80 0.61 7.42
N LEU A 183 -16.06 1.81 6.91
CA LEU A 183 -17.42 2.23 6.59
C LEU A 183 -17.99 1.43 5.42
N VAL A 184 -17.13 1.08 4.47
CA VAL A 184 -17.57 0.31 3.31
C VAL A 184 -17.92 -1.12 3.75
N ASP A 185 -17.17 -1.63 4.73
CA ASP A 185 -17.42 -2.98 5.25
C ASP A 185 -18.75 -2.94 5.99
N MET A 186 -19.09 -1.74 6.49
CA MET A 186 -20.36 -1.56 7.20
C MET A 186 -21.50 -1.76 6.21
N GLY A 187 -21.21 -1.51 4.94
CA GLY A 187 -22.22 -1.71 3.92
C GLY A 187 -22.31 -3.18 3.55
N ARG A 188 -21.17 -3.86 3.51
CA ARG A 188 -21.14 -5.28 3.17
C ARG A 188 -21.67 -6.11 4.34
N VAL A 189 -21.90 -5.45 5.47
CA VAL A 189 -22.44 -6.11 6.65
C VAL A 189 -23.94 -5.82 6.79
N LYS A 190 -24.30 -4.54 6.84
CA LYS A 190 -25.69 -4.12 7.01
C LYS A 190 -26.57 -4.01 5.77
N VAL A 191 -25.98 -3.77 4.60
CA VAL A 191 -26.80 -3.69 3.38
C VAL A 191 -27.25 -5.11 3.00
N ILE A 192 -26.35 -6.06 3.14
CA ILE A 192 -26.65 -7.45 2.81
C ILE A 192 -27.52 -8.10 3.90
N ALA A 193 -27.21 -7.84 5.16
CA ALA A 193 -28.02 -8.42 6.24
C ALA A 193 -29.39 -7.77 6.10
N GLY A 194 -29.40 -6.49 5.74
CA GLY A 194 -30.66 -5.81 5.58
C GLY A 194 -31.50 -6.45 4.50
N LEU A 195 -30.82 -6.91 3.45
CA LEU A 195 -31.49 -7.58 2.32
C LEU A 195 -32.01 -8.94 2.76
N LEU A 196 -31.18 -9.66 3.51
CA LEU A 196 -31.54 -10.99 4.00
C LEU A 196 -32.72 -10.92 4.95
N ARG A 197 -32.74 -9.87 5.78
CA ARG A 197 -33.80 -9.70 6.76
C ARG A 197 -34.97 -8.92 6.19
N LYS A 198 -34.84 -8.50 4.94
CA LYS A 198 -35.89 -7.74 4.29
C LYS A 198 -36.22 -6.49 5.10
N ASP A 199 -35.19 -5.93 5.74
CA ASP A 199 -35.32 -4.74 6.58
C ASP A 199 -35.00 -3.47 5.78
N ASP A 200 -36.03 -2.76 5.36
CA ASP A 200 -35.87 -1.55 4.57
C ASP A 200 -35.17 -0.41 5.31
N GLN A 201 -35.50 -0.21 6.58
CA GLN A 201 -34.88 0.85 7.35
C GLN A 201 -33.38 0.59 7.45
N GLU A 202 -33.02 -0.69 7.58
CA GLU A 202 -31.61 -1.06 7.69
C GLU A 202 -30.88 -0.72 6.41
N ILE A 203 -31.49 -1.07 5.29
CA ILE A 203 -30.90 -0.82 3.98
C ILE A 203 -30.65 0.66 3.73
N SER A 204 -31.70 1.47 3.83
CA SER A 204 -31.60 2.92 3.60
C SER A 204 -30.68 3.63 4.57
N SER A 205 -30.82 3.32 5.85
CA SER A 205 -29.99 3.96 6.85
C SER A 205 -28.50 3.67 6.61
N THR A 206 -28.19 2.45 6.18
CA THR A 206 -26.81 2.05 5.88
C THR A 206 -26.27 2.68 4.60
N ILE A 207 -27.10 2.81 3.58
CA ILE A 207 -26.63 3.40 2.33
C ILE A 207 -26.38 4.88 2.56
N ARG A 208 -27.25 5.51 3.34
CA ARG A 208 -27.11 6.93 3.65
C ARG A 208 -25.79 7.12 4.40
N SER A 209 -25.45 6.17 5.25
CA SER A 209 -24.21 6.24 6.00
C SER A 209 -22.99 6.07 5.10
N ILE A 210 -23.06 5.15 4.14
CA ILE A 210 -21.95 4.89 3.23
C ILE A 210 -21.59 6.09 2.38
N GLU A 211 -22.60 6.88 2.02
CA GLU A 211 -22.36 8.06 1.19
C GLU A 211 -21.31 9.01 1.77
N GLN A 212 -21.02 8.85 3.06
CA GLN A 212 -20.01 9.67 3.76
C GLN A 212 -18.66 9.40 3.11
N VAL A 213 -18.52 8.21 2.56
CA VAL A 213 -17.27 7.81 1.93
C VAL A 213 -16.90 8.63 0.71
N PHE A 214 -17.89 9.26 0.09
CA PHE A 214 -17.65 10.05 -1.13
C PHE A 214 -17.18 11.49 -0.91
N LYS A 215 -17.14 11.94 0.34
CA LYS A 215 -16.72 13.30 0.61
C LYS A 215 -15.22 13.43 0.80
N LEU A 216 -14.61 14.39 0.11
CA LEU A 216 -13.19 14.63 0.25
C LEU A 216 -13.05 15.46 1.52
N VAL A 217 -11.98 15.23 2.27
CA VAL A 217 -11.77 15.94 3.51
C VAL A 217 -10.51 16.81 3.46
N ASP A 218 -10.35 17.70 4.42
CA ASP A 218 -9.14 18.51 4.49
C ASP A 218 -8.48 18.28 5.84
N GLN A 219 -8.99 17.28 6.57
CA GLN A 219 -8.49 16.90 7.89
C GLN A 219 -9.07 15.56 8.33
N GLY A 220 -8.37 14.83 9.19
CA GLY A 220 -8.89 13.56 9.64
C GLY A 220 -8.76 12.43 8.63
N GLU A 221 -9.56 11.39 8.81
CA GLU A 221 -9.56 10.21 7.94
C GLU A 221 -10.36 10.40 6.67
N GLY A 222 -9.85 9.81 5.58
CA GLY A 222 -10.51 9.92 4.29
C GLY A 222 -9.57 10.30 3.16
N PHE A 223 -10.13 10.58 1.99
CA PHE A 223 -9.36 10.96 0.82
C PHE A 223 -9.20 12.47 0.80
N TYR A 224 -8.05 12.94 0.35
CA TYR A 224 -7.78 14.37 0.28
C TYR A 224 -7.71 14.81 -1.17
N GLN A 225 -7.89 16.11 -1.38
CA GLN A 225 -7.82 16.67 -2.72
C GLN A 225 -6.51 16.34 -3.42
N ASP A 226 -5.39 16.35 -2.70
CA ASP A 226 -4.10 16.05 -3.33
C ASP A 226 -3.85 14.57 -3.56
N GLY A 227 -4.87 13.75 -3.29
CA GLY A 227 -4.74 12.32 -3.50
C GLY A 227 -4.35 11.51 -2.28
N SER A 228 -4.03 12.16 -1.18
CA SER A 228 -3.64 11.44 0.04
C SER A 228 -4.85 10.73 0.64
N TYR A 229 -4.61 9.61 1.32
CA TYR A 229 -5.68 8.89 2.01
C TYR A 229 -5.15 8.56 3.39
N ILE A 230 -5.84 9.02 4.43
CA ILE A 230 -5.43 8.81 5.80
C ILE A 230 -6.46 7.96 6.52
N ASP A 231 -5.97 7.05 7.35
CA ASP A 231 -6.87 6.21 8.15
C ASP A 231 -6.20 6.03 9.49
N HIS A 232 -6.93 5.48 10.44
CA HIS A 232 -6.40 5.28 11.78
C HIS A 232 -5.80 6.58 12.34
N THR A 233 -6.60 7.64 12.23
CA THR A 233 -6.28 8.98 12.72
C THR A 233 -5.30 9.78 11.88
N ASN A 234 -4.09 9.26 11.71
CA ASN A 234 -3.07 9.99 10.99
C ASN A 234 -2.06 9.11 10.27
N VAL A 235 -2.49 7.97 9.74
CA VAL A 235 -1.59 7.06 9.03
C VAL A 235 -1.85 7.02 7.52
N ALA A 236 -0.79 7.16 6.72
CA ALA A 236 -0.88 7.08 5.26
C ALA A 236 -1.39 5.68 5.02
N TYR A 237 -2.57 5.55 4.41
CA TYR A 237 -3.14 4.23 4.22
C TYR A 237 -3.89 3.93 2.93
N THR A 238 -3.51 4.58 1.83
CA THR A 238 -4.18 4.35 0.55
C THR A 238 -4.10 2.88 0.13
N GLY A 239 -2.92 2.29 0.36
CA GLY A 239 -2.65 0.91 -0.04
C GLY A 239 -3.18 -0.26 0.77
N ALA A 240 -4.00 -0.02 1.79
CA ALA A 240 -4.56 -1.10 2.60
C ALA A 240 -6.03 -0.83 2.90
N TYR A 241 -6.31 0.22 3.66
CA TYR A 241 -7.69 0.56 3.97
C TYR A 241 -8.34 1.11 2.69
N GLY A 242 -7.55 1.80 1.87
CA GLY A 242 -8.09 2.31 0.63
C GLY A 242 -8.45 1.14 -0.27
N ASN A 243 -7.63 0.10 -0.22
CA ASN A 243 -7.89 -1.09 -1.03
C ASN A 243 -9.26 -1.64 -0.66
N VAL A 244 -9.47 -1.87 0.63
CA VAL A 244 -10.74 -2.40 1.13
C VAL A 244 -11.89 -1.50 0.71
N LEU A 245 -11.66 -0.19 0.78
CA LEU A 245 -12.68 0.80 0.41
C LEU A 245 -13.14 0.61 -1.05
N ILE A 246 -12.21 0.71 -2.01
CA ILE A 246 -12.58 0.56 -3.41
C ILE A 246 -13.03 -0.87 -3.78
N ASP A 247 -12.36 -1.86 -3.21
CA ASP A 247 -12.69 -3.25 -3.48
C ASP A 247 -14.13 -3.52 -3.03
N GLY A 248 -14.44 -3.21 -1.79
CA GLY A 248 -15.77 -3.45 -1.28
C GLY A 248 -16.86 -2.57 -1.87
N LEU A 249 -16.58 -1.28 -2.01
CA LEU A 249 -17.57 -0.36 -2.56
C LEU A 249 -17.98 -0.79 -3.96
N SER A 250 -17.01 -1.25 -4.75
CA SER A 250 -17.30 -1.65 -6.13
C SER A 250 -18.16 -2.92 -6.19
N GLN A 251 -18.13 -3.73 -5.15
CA GLN A 251 -18.96 -4.95 -5.11
C GLN A 251 -20.38 -4.56 -4.73
N LEU A 252 -20.49 -3.63 -3.79
CA LEU A 252 -21.78 -3.17 -3.29
C LEU A 252 -22.58 -2.28 -4.23
N LEU A 253 -21.91 -1.35 -4.90
CA LEU A 253 -22.59 -0.41 -5.78
C LEU A 253 -23.64 -0.96 -6.74
N PRO A 254 -23.33 -2.04 -7.47
CA PRO A 254 -24.35 -2.56 -8.38
C PRO A 254 -25.64 -3.00 -7.66
N VAL A 255 -25.51 -3.48 -6.43
CA VAL A 255 -26.65 -3.90 -5.64
C VAL A 255 -27.36 -2.70 -5.02
N ILE A 256 -26.56 -1.79 -4.45
CA ILE A 256 -27.10 -0.60 -3.84
C ILE A 256 -27.83 0.24 -4.87
N GLN A 257 -27.27 0.34 -6.07
CA GLN A 257 -27.86 1.13 -7.13
C GLN A 257 -29.19 0.57 -7.62
N LYS A 258 -29.52 -0.66 -7.24
CA LYS A 258 -30.77 -1.25 -7.68
C LYS A 258 -31.82 -1.34 -6.57
N THR A 259 -31.51 -0.75 -5.42
CA THR A 259 -32.44 -0.75 -4.30
C THR A 259 -33.27 0.53 -4.41
N LYS A 260 -34.13 0.76 -3.43
CA LYS A 260 -34.97 1.96 -3.42
C LYS A 260 -34.22 3.18 -2.90
N ASN A 261 -32.92 3.01 -2.66
CA ASN A 261 -32.09 4.09 -2.16
C ASN A 261 -30.79 4.21 -2.95
N PRO A 262 -30.91 4.35 -4.28
CA PRO A 262 -29.68 4.47 -5.08
C PRO A 262 -28.90 5.69 -4.63
N ILE A 263 -27.62 5.77 -5.01
CA ILE A 263 -26.78 6.90 -4.63
C ILE A 263 -26.62 7.84 -5.83
N ASP A 264 -26.79 9.14 -5.59
CA ASP A 264 -26.66 10.16 -6.64
C ASP A 264 -25.42 9.99 -7.52
N LYS A 265 -25.54 10.36 -8.79
CA LYS A 265 -24.43 10.22 -9.72
C LYS A 265 -23.31 11.24 -9.55
N ASP A 266 -23.57 12.35 -8.86
CA ASP A 266 -22.51 13.34 -8.66
C ASP A 266 -21.81 13.08 -7.33
N LYS A 267 -22.48 12.37 -6.44
CA LYS A 267 -21.91 12.04 -5.13
C LYS A 267 -20.79 11.02 -5.36
N MET A 268 -21.02 10.08 -6.29
CA MET A 268 -20.04 9.04 -6.60
C MET A 268 -18.97 9.50 -7.59
N GLN A 269 -19.09 10.71 -8.10
CA GLN A 269 -18.12 11.22 -9.07
C GLN A 269 -16.71 11.30 -8.46
N THR A 270 -16.63 11.41 -7.15
CA THR A 270 -15.35 11.50 -6.48
C THR A 270 -14.58 10.19 -6.60
N MET A 271 -15.27 9.10 -6.92
CA MET A 271 -14.62 7.79 -7.08
C MET A 271 -13.53 7.88 -8.13
N TYR A 272 -13.81 8.61 -9.19
CA TYR A 272 -12.85 8.76 -10.28
C TYR A 272 -11.66 9.56 -9.83
N HIS A 273 -11.86 10.43 -8.85
CA HIS A 273 -10.78 11.25 -8.32
C HIS A 273 -9.85 10.32 -7.53
N TRP A 274 -10.42 9.41 -6.76
CA TRP A 274 -9.62 8.46 -5.98
C TRP A 274 -8.74 7.68 -6.91
N ILE A 275 -9.37 7.11 -7.95
CA ILE A 275 -8.69 6.30 -8.92
C ILE A 275 -7.51 7.03 -9.58
N ASP A 276 -7.77 8.21 -10.12
CA ASP A 276 -6.75 9.00 -10.81
C ASP A 276 -5.71 9.67 -9.91
N LYS A 277 -6.16 10.28 -8.82
CA LYS A 277 -5.27 10.99 -7.91
C LYS A 277 -4.66 10.21 -6.76
N SER A 278 -5.40 9.23 -6.24
CA SER A 278 -4.91 8.45 -5.10
C SER A 278 -4.28 7.11 -5.40
N PHE A 279 -4.96 6.28 -6.18
CA PHE A 279 -4.48 4.94 -6.48
C PHE A 279 -3.48 4.78 -7.62
N ALA A 280 -3.81 5.33 -8.79
CA ALA A 280 -2.94 5.20 -9.94
C ALA A 280 -1.46 5.52 -9.70
N PRO A 281 -1.15 6.66 -9.04
CA PRO A 281 0.28 6.95 -8.83
C PRO A 281 1.07 5.94 -8.01
N LEU A 282 0.38 5.19 -7.15
CA LEU A 282 1.03 4.21 -6.29
C LEU A 282 1.21 2.85 -6.96
N LEU A 283 0.78 2.73 -8.21
CA LEU A 283 0.90 1.47 -8.95
C LEU A 283 2.03 1.56 -9.97
N VAL A 284 3.09 0.78 -9.77
CA VAL A 284 4.21 0.79 -10.70
C VAL A 284 4.49 -0.64 -11.14
N ASN A 285 4.36 -0.86 -12.44
CA ASN A 285 4.59 -2.18 -13.01
C ASN A 285 3.78 -3.24 -12.32
N GLY A 286 2.53 -2.91 -12.01
CA GLY A 286 1.63 -3.84 -11.36
C GLY A 286 1.81 -4.01 -9.86
N GLU A 287 2.67 -3.19 -9.26
CA GLU A 287 2.95 -3.26 -7.83
C GLU A 287 2.40 -2.07 -7.07
N LEU A 288 1.74 -2.31 -5.93
CA LEU A 288 1.18 -1.24 -5.10
C LEU A 288 2.24 -0.85 -4.06
N MET A 289 2.74 0.37 -4.17
CA MET A 289 3.81 0.85 -3.28
C MET A 289 3.57 0.58 -1.80
N ASP A 290 4.49 -0.17 -1.20
CA ASP A 290 4.42 -0.56 0.21
C ASP A 290 4.30 0.59 1.21
N MET A 291 4.87 1.75 0.88
CA MET A 291 4.81 2.89 1.79
C MET A 291 3.38 3.35 2.06
N SER A 292 2.43 2.83 1.29
CA SER A 292 1.04 3.21 1.47
C SER A 292 0.19 2.08 2.03
N ARG A 293 0.81 0.94 2.35
CA ARG A 293 0.06 -0.22 2.83
C ARG A 293 0.10 -0.47 4.31
N GLY A 294 0.76 0.42 5.05
CA GLY A 294 0.83 0.28 6.48
C GLY A 294 1.34 -1.07 6.96
N ARG A 295 0.62 -1.67 7.92
CA ARG A 295 1.04 -2.95 8.50
C ARG A 295 0.81 -4.17 7.60
N SER A 296 0.10 -3.96 6.50
CA SER A 296 -0.20 -5.00 5.50
C SER A 296 1.06 -5.62 4.94
N ILE A 297 2.14 -4.85 4.95
CA ILE A 297 3.41 -5.29 4.41
C ILE A 297 3.98 -6.52 5.11
N SER A 298 3.56 -6.76 6.35
CA SER A 298 4.05 -7.90 7.12
C SER A 298 3.24 -9.16 6.88
N ARG A 299 2.37 -9.14 5.87
CA ARG A 299 1.54 -10.30 5.53
C ARG A 299 2.09 -10.96 4.29
N ALA A 300 2.49 -12.23 4.44
CA ALA A 300 3.07 -13.01 3.36
C ALA A 300 2.21 -13.15 2.12
N ASN A 301 0.90 -13.26 2.30
CA ASN A 301 -0.01 -13.41 1.18
C ASN A 301 -0.46 -12.10 0.57
N SER A 302 0.14 -10.98 0.98
CA SER A 302 -0.26 -9.68 0.45
C SER A 302 0.92 -8.81 0.09
N GLU A 303 1.85 -9.39 -0.65
CA GLU A 303 3.00 -8.61 -1.07
C GLU A 303 2.50 -7.63 -2.13
N GLY A 304 3.34 -6.65 -2.46
CA GLY A 304 2.97 -5.62 -3.42
C GLY A 304 2.13 -5.89 -4.67
N HIS A 305 2.50 -6.86 -5.48
CA HIS A 305 1.76 -7.14 -6.70
C HIS A 305 0.42 -7.76 -6.38
N VAL A 306 0.35 -8.47 -5.27
CA VAL A 306 -0.89 -9.11 -4.85
C VAL A 306 -1.87 -8.05 -4.37
N ALA A 307 -1.41 -7.11 -3.55
CA ALA A 307 -2.27 -6.06 -3.04
C ALA A 307 -2.76 -5.15 -4.17
N ALA A 308 -1.96 -4.98 -5.21
CA ALA A 308 -2.35 -4.14 -6.34
C ALA A 308 -3.59 -4.66 -7.07
N VAL A 309 -3.81 -5.97 -7.02
CA VAL A 309 -4.97 -6.54 -7.71
C VAL A 309 -6.29 -6.22 -7.01
N GLU A 310 -6.23 -5.95 -5.71
CA GLU A 310 -7.42 -5.59 -4.96
C GLU A 310 -7.92 -4.25 -5.49
N VAL A 311 -6.96 -3.36 -5.74
CA VAL A 311 -7.27 -2.03 -6.25
C VAL A 311 -7.73 -2.17 -7.70
N LEU A 312 -6.94 -2.89 -8.50
CA LEU A 312 -7.24 -3.09 -9.92
C LEU A 312 -8.60 -3.74 -10.18
N ARG A 313 -8.92 -4.81 -9.47
CA ARG A 313 -10.20 -5.47 -9.67
C ARG A 313 -11.32 -4.50 -9.24
N GLY A 314 -11.01 -3.63 -8.29
CA GLY A 314 -12.01 -2.66 -7.85
C GLY A 314 -12.20 -1.61 -8.94
N ILE A 315 -11.11 -1.11 -9.49
CA ILE A 315 -11.19 -0.11 -10.54
C ILE A 315 -11.92 -0.66 -11.76
N HIS A 316 -11.62 -1.92 -12.11
CA HIS A 316 -12.24 -2.55 -13.26
C HIS A 316 -13.75 -2.63 -13.14
N ARG A 317 -14.22 -3.01 -11.96
CA ARG A 317 -15.64 -3.11 -11.70
C ARG A 317 -16.27 -1.74 -11.92
N ILE A 318 -15.63 -0.71 -11.37
CA ILE A 318 -16.13 0.65 -11.51
C ILE A 318 -16.18 1.05 -12.99
N ALA A 319 -15.15 0.68 -13.74
CA ALA A 319 -15.09 0.98 -15.16
C ALA A 319 -16.24 0.27 -15.86
N ASP A 320 -16.48 -0.99 -15.48
CA ASP A 320 -17.54 -1.80 -16.07
C ASP A 320 -18.92 -1.19 -15.89
N MET A 321 -19.18 -0.55 -14.76
CA MET A 321 -20.50 0.05 -14.57
C MET A 321 -20.51 1.54 -14.96
N SER A 322 -19.42 1.98 -15.61
CA SER A 322 -19.28 3.35 -16.08
C SER A 322 -19.71 3.33 -17.52
N GLU A 323 -19.52 4.41 -18.24
CA GLU A 323 -19.94 4.43 -19.64
C GLU A 323 -19.19 5.48 -20.45
N GLY A 324 -19.06 5.23 -21.74
CA GLY A 324 -18.38 6.18 -22.59
C GLY A 324 -16.87 6.17 -22.41
N GLU A 325 -16.26 7.36 -22.47
CA GLU A 325 -14.83 7.50 -22.34
C GLU A 325 -14.32 7.21 -20.93
N THR A 326 -15.18 7.35 -19.94
CA THR A 326 -14.80 7.08 -18.56
C THR A 326 -14.56 5.58 -18.46
N LYS A 327 -15.49 4.80 -19.00
CA LYS A 327 -15.35 3.36 -18.98
C LYS A 327 -14.09 2.96 -19.77
N GLN A 328 -13.97 3.48 -20.99
CA GLN A 328 -12.83 3.17 -21.86
C GLN A 328 -11.51 3.51 -21.22
N ARG A 329 -11.42 4.72 -20.69
CA ARG A 329 -10.22 5.21 -20.05
C ARG A 329 -9.83 4.41 -18.79
N LEU A 330 -10.80 4.05 -17.97
CA LEU A 330 -10.53 3.25 -16.77
C LEU A 330 -10.11 1.86 -17.25
N GLN A 331 -10.78 1.38 -18.30
CA GLN A 331 -10.46 0.08 -18.90
C GLN A 331 -9.01 0.11 -19.36
N SER A 332 -8.63 1.20 -20.03
CA SER A 332 -7.27 1.36 -20.54
C SER A 332 -6.28 1.43 -19.40
N LEU A 333 -6.66 2.04 -18.29
CA LEU A 333 -5.80 2.15 -17.13
C LEU A 333 -5.52 0.75 -16.54
N VAL A 334 -6.58 -0.04 -16.37
CA VAL A 334 -6.42 -1.39 -15.83
C VAL A 334 -5.63 -2.28 -16.79
N LYS A 335 -5.94 -2.19 -18.08
CA LYS A 335 -5.27 -2.99 -19.07
C LYS A 335 -3.77 -2.76 -19.14
N THR A 336 -3.36 -1.49 -19.20
CA THR A 336 -1.95 -1.15 -19.28
C THR A 336 -1.15 -1.57 -18.05
N ILE A 337 -1.71 -1.36 -16.87
CA ILE A 337 -1.03 -1.73 -15.63
C ILE A 337 -0.82 -3.25 -15.57
N VAL A 338 -1.90 -4.00 -15.81
CA VAL A 338 -1.82 -5.46 -15.77
C VAL A 338 -0.78 -6.00 -16.77
N GLN A 339 -0.80 -5.47 -18.00
CA GLN A 339 0.12 -5.95 -19.05
C GLN A 339 1.58 -5.56 -18.84
N SER A 340 1.83 -4.56 -18.00
CA SER A 340 3.19 -4.14 -17.72
C SER A 340 3.78 -5.03 -16.63
N ASP A 341 2.92 -5.79 -15.98
CA ASP A 341 3.35 -6.69 -14.91
C ASP A 341 3.78 -8.06 -15.44
N SER A 342 5.08 -8.23 -15.62
CA SER A 342 5.62 -9.50 -16.12
C SER A 342 5.94 -10.45 -14.96
N TYR A 343 5.81 -9.96 -13.74
CA TYR A 343 6.13 -10.77 -12.58
C TYR A 343 4.95 -11.48 -11.94
N TYR A 344 3.84 -10.78 -11.78
CA TYR A 344 2.68 -11.37 -11.15
C TYR A 344 1.49 -11.63 -12.08
N ASP A 345 0.95 -12.85 -11.99
CA ASP A 345 -0.20 -13.25 -12.79
C ASP A 345 -1.47 -12.70 -12.13
N VAL A 346 -2.00 -11.63 -12.72
CA VAL A 346 -3.21 -10.97 -12.21
C VAL A 346 -4.30 -11.92 -11.75
N PHE A 347 -4.48 -13.03 -12.46
CA PHE A 347 -5.51 -13.99 -12.11
C PHE A 347 -5.31 -14.70 -10.76
N LYS A 348 -4.09 -14.67 -10.24
CA LYS A 348 -3.83 -15.29 -8.94
C LYS A 348 -4.57 -14.56 -7.80
N ASN A 349 -5.19 -13.42 -8.12
CA ASN A 349 -5.95 -12.66 -7.13
C ASN A 349 -7.32 -12.14 -7.61
N LEU A 350 -7.91 -12.84 -8.58
CA LEU A 350 -9.24 -12.50 -9.06
C LEU A 350 -9.99 -13.73 -8.55
N LYS A 351 -10.66 -13.56 -7.41
CA LYS A 351 -11.34 -14.67 -6.73
C LYS A 351 -12.82 -14.93 -6.94
N THR A 352 -13.36 -14.46 -8.06
CA THR A 352 -14.77 -14.72 -8.39
C THR A 352 -14.83 -14.84 -9.92
N TYR A 353 -15.72 -15.68 -10.43
CA TYR A 353 -15.79 -15.88 -11.86
C TYR A 353 -16.08 -14.62 -12.66
N LYS A 354 -16.86 -13.70 -12.12
CA LYS A 354 -17.16 -12.49 -12.85
C LYS A 354 -15.92 -11.61 -12.98
N ASP A 355 -15.09 -11.59 -11.93
CA ASP A 355 -13.86 -10.79 -11.96
C ASP A 355 -12.88 -11.36 -12.96
N ILE A 356 -12.82 -12.70 -13.03
CA ILE A 356 -11.92 -13.37 -13.97
C ILE A 356 -12.40 -13.10 -15.40
N SER A 357 -13.72 -13.23 -15.60
CA SER A 357 -14.33 -12.99 -16.91
C SER A 357 -14.07 -11.57 -17.42
N LEU A 358 -14.33 -10.58 -16.57
CA LEU A 358 -14.11 -9.18 -16.89
C LEU A 358 -12.67 -8.93 -17.34
N MET A 359 -11.72 -9.51 -16.60
CA MET A 359 -10.31 -9.32 -16.92
C MET A 359 -9.96 -9.92 -18.27
N GLN A 360 -10.46 -11.13 -18.53
CA GLN A 360 -10.17 -11.80 -19.78
C GLN A 360 -10.66 -11.02 -21.00
N SER A 361 -11.91 -10.59 -21.00
CA SER A 361 -12.43 -9.85 -22.14
C SER A 361 -11.69 -8.51 -22.29
N LEU A 362 -11.28 -7.91 -21.17
CA LEU A 362 -10.54 -6.64 -21.17
C LEU A 362 -9.21 -6.83 -21.90
N LEU A 363 -8.46 -7.83 -21.47
CA LEU A 363 -7.17 -8.16 -22.04
C LEU A 363 -7.22 -8.59 -23.50
N SER A 364 -8.36 -9.10 -23.95
CA SER A 364 -8.44 -9.55 -25.34
C SER A 364 -9.15 -8.58 -26.27
N ASP A 365 -9.79 -7.56 -25.73
CA ASP A 365 -10.48 -6.58 -26.56
C ASP A 365 -9.49 -5.60 -27.17
N ALA A 366 -9.25 -5.71 -28.47
CA ALA A 366 -8.32 -4.83 -29.16
C ALA A 366 -8.86 -3.41 -29.19
N GLY A 367 -10.14 -3.25 -28.88
CA GLY A 367 -10.75 -1.93 -28.87
C GLY A 367 -10.33 -1.07 -27.69
N VAL A 368 -9.83 -1.71 -26.64
CA VAL A 368 -9.35 -1.04 -25.45
C VAL A 368 -7.85 -0.82 -25.59
N ALA A 369 -7.45 0.45 -25.60
CA ALA A 369 -6.04 0.80 -25.74
C ALA A 369 -5.22 0.40 -24.52
N SER A 370 -3.99 0.00 -24.78
CA SER A 370 -3.06 -0.41 -23.73
C SER A 370 -1.74 0.24 -24.10
N VAL A 371 -1.57 1.48 -23.67
CA VAL A 371 -0.36 2.23 -23.96
C VAL A 371 0.43 2.47 -22.68
N PRO A 372 1.78 2.29 -22.72
CA PRO A 372 2.61 2.51 -21.53
C PRO A 372 2.23 3.84 -20.87
N ARG A 373 2.13 3.85 -19.55
CA ARG A 373 1.77 5.07 -18.85
C ARG A 373 2.84 6.13 -18.93
N THR A 374 2.41 7.39 -18.96
CA THR A 374 3.34 8.50 -19.05
C THR A 374 3.96 8.83 -17.70
N SER A 375 4.99 9.68 -17.72
CA SER A 375 5.68 10.10 -16.52
C SER A 375 4.76 10.89 -15.62
N TYR A 376 4.98 10.80 -14.31
CA TYR A 376 4.16 11.52 -13.34
C TYR A 376 4.89 11.65 -12.00
N LEU A 377 4.49 12.64 -11.21
CA LEU A 377 5.08 12.86 -9.90
C LEU A 377 3.95 13.36 -9.03
N SER A 378 3.61 12.60 -8.01
CA SER A 378 2.54 12.98 -7.08
C SER A 378 3.14 13.35 -5.72
N ALA A 379 2.87 14.56 -5.26
CA ALA A 379 3.35 15.00 -3.95
C ALA A 379 2.15 14.87 -3.01
N PHE A 380 2.01 13.71 -2.37
CA PHE A 380 0.91 13.48 -1.42
C PHE A 380 1.29 14.14 -0.11
N ASN A 381 1.33 15.47 -0.10
CA ASN A 381 1.72 16.21 1.10
C ASN A 381 0.80 16.01 2.31
N LYS A 382 -0.44 15.60 2.07
CA LYS A 382 -1.37 15.38 3.17
C LYS A 382 -1.13 14.06 3.90
N MET A 383 -0.22 13.23 3.37
CA MET A 383 0.13 11.99 4.03
C MET A 383 1.66 11.79 4.05
N ASP A 384 2.37 12.86 3.70
CA ASP A 384 3.83 12.87 3.70
C ASP A 384 4.53 11.78 2.89
N LYS A 385 4.02 11.52 1.69
CA LYS A 385 4.59 10.54 0.79
C LYS A 385 4.68 11.16 -0.61
N THR A 386 5.62 10.69 -1.41
CA THR A 386 5.80 11.22 -2.75
C THR A 386 6.06 10.04 -3.68
N ALA A 387 5.32 9.99 -4.78
CA ALA A 387 5.50 8.92 -5.77
C ALA A 387 5.95 9.52 -7.08
N MET A 388 7.01 8.95 -7.65
CA MET A 388 7.54 9.46 -8.91
C MET A 388 7.72 8.32 -9.91
N TYR A 389 7.35 8.58 -11.17
CA TYR A 389 7.49 7.58 -12.23
C TYR A 389 8.01 8.21 -13.53
N ASN A 390 9.09 7.63 -14.06
CA ASN A 390 9.71 8.08 -15.32
C ASN A 390 9.43 7.00 -16.38
N ALA A 391 8.58 7.34 -17.35
CA ALA A 391 8.20 6.40 -18.40
C ALA A 391 9.28 6.19 -19.44
N GLU A 392 10.07 7.23 -19.69
CA GLU A 392 11.14 7.16 -20.68
C GLU A 392 12.22 6.15 -20.29
N LYS A 393 12.70 6.22 -19.05
CA LYS A 393 13.73 5.30 -18.58
C LYS A 393 13.14 4.10 -17.86
N GLY A 394 11.87 4.21 -17.48
CA GLY A 394 11.18 3.11 -16.83
C GLY A 394 11.52 2.72 -15.40
N PHE A 395 11.43 3.67 -14.46
CA PHE A 395 11.66 3.36 -13.05
C PHE A 395 10.72 4.19 -12.18
N GLY A 396 10.37 3.65 -11.01
CA GLY A 396 9.50 4.37 -10.09
C GLY A 396 10.33 4.71 -8.87
N PHE A 397 9.95 5.74 -8.14
CA PHE A 397 10.68 6.14 -6.94
C PHE A 397 9.64 6.50 -5.88
N GLY A 398 9.81 5.95 -4.69
CA GLY A 398 8.89 6.24 -3.60
C GLY A 398 9.62 6.81 -2.40
N LEU A 399 9.13 7.94 -1.91
CA LEU A 399 9.74 8.61 -0.75
C LEU A 399 8.76 8.52 0.41
N SER A 400 9.17 7.78 1.45
CA SER A 400 8.34 7.58 2.62
C SER A 400 8.80 8.42 3.82
N LEU A 401 7.98 9.39 4.19
CA LEU A 401 8.28 10.28 5.31
C LEU A 401 7.10 10.33 6.28
N PHE A 402 7.22 11.17 7.28
CA PHE A 402 6.16 11.40 8.26
C PHE A 402 6.49 12.73 8.93
N SER A 403 5.55 13.27 9.69
CA SER A 403 5.76 14.56 10.35
C SER A 403 4.91 14.67 11.61
N SER A 404 4.70 15.90 12.07
CA SER A 404 3.88 16.14 13.24
C SER A 404 2.43 15.79 12.92
N ARG A 405 2.10 15.71 11.64
CA ARG A 405 0.74 15.42 11.20
C ARG A 405 0.44 13.94 10.92
N THR A 406 1.47 13.10 10.88
CA THR A 406 1.28 11.70 10.56
C THR A 406 2.12 10.74 11.40
N LEU A 407 1.63 9.52 11.59
CA LEU A 407 2.34 8.50 12.35
C LEU A 407 3.41 7.88 11.46
N ASN A 408 4.57 7.52 12.02
CA ASN A 408 5.63 6.96 11.20
C ASN A 408 5.33 5.54 10.73
N TYR A 409 4.89 4.68 11.62
CA TYR A 409 4.57 3.31 11.19
C TYR A 409 3.48 2.72 12.06
N GLU A 410 2.73 1.77 11.52
CA GLU A 410 1.70 1.17 12.34
C GLU A 410 2.02 -0.27 12.72
N HIS A 411 2.06 -0.50 14.03
CA HIS A 411 2.30 -1.82 14.59
C HIS A 411 1.07 -2.02 15.45
N MET A 412 0.17 -2.90 15.00
CA MET A 412 -1.06 -3.15 15.72
C MET A 412 -1.48 -4.58 15.46
N ASN A 413 -2.19 -5.17 16.41
CA ASN A 413 -2.64 -6.55 16.30
C ASN A 413 -1.47 -7.48 16.03
N LYS A 414 -0.31 -7.15 16.61
CA LYS A 414 0.89 -7.95 16.44
C LYS A 414 1.44 -7.97 15.03
N GLU A 415 1.05 -7.00 14.21
CA GLU A 415 1.53 -6.93 12.83
C GLU A 415 2.47 -5.75 12.62
N ASN A 416 3.50 -5.98 11.82
CA ASN A 416 4.53 -4.98 11.49
C ASN A 416 5.33 -4.60 12.72
N LYS A 417 5.83 -5.62 13.42
CA LYS A 417 6.62 -5.44 14.63
C LYS A 417 7.93 -4.67 14.42
N ARG A 418 8.49 -4.72 13.22
CA ARG A 418 9.76 -4.04 12.95
C ARG A 418 9.75 -3.00 11.82
N GLY A 419 8.64 -2.28 11.68
CA GLY A 419 8.57 -1.26 10.65
C GLY A 419 9.05 0.09 11.19
N TRP A 420 9.71 0.06 12.34
CA TRP A 420 10.22 1.26 13.03
C TRP A 420 10.72 2.42 12.17
N TYR A 421 11.55 2.09 11.17
CA TYR A 421 12.14 3.12 10.34
C TYR A 421 11.65 3.22 8.89
N THR A 422 10.52 2.61 8.58
CA THR A 422 10.02 2.63 7.22
C THR A 422 9.51 3.99 6.74
N SER A 423 9.58 5.01 7.58
CA SER A 423 9.14 6.36 7.20
C SER A 423 10.15 7.44 7.60
N ASP A 424 11.34 7.01 8.05
CA ASP A 424 12.40 7.93 8.45
C ASP A 424 13.22 8.37 7.25
N GLY A 425 12.52 8.79 6.20
CA GLY A 425 13.22 9.18 4.99
C GLY A 425 13.61 7.93 4.21
N MET A 426 12.78 6.89 4.28
CA MET A 426 13.05 5.65 3.55
C MET A 426 12.66 5.85 2.09
N PHE A 427 13.43 5.28 1.17
CA PHE A 427 13.07 5.42 -0.23
C PHE A 427 12.91 4.06 -0.90
N TYR A 428 12.12 4.05 -1.96
CA TYR A 428 11.86 2.86 -2.74
C TYR A 428 12.26 3.12 -4.19
N LEU A 429 12.90 2.14 -4.83
CA LEU A 429 13.25 2.26 -6.23
C LEU A 429 12.59 1.08 -6.92
N TYR A 430 11.73 1.36 -7.89
CA TYR A 430 11.03 0.34 -8.64
C TYR A 430 11.68 0.26 -10.02
N ASN A 431 12.47 -0.78 -10.26
CA ASN A 431 13.14 -0.94 -11.55
C ASN A 431 12.75 -2.24 -12.27
N GLY A 432 13.66 -2.75 -13.10
CA GLY A 432 13.40 -3.97 -13.85
C GLY A 432 13.05 -5.21 -13.04
N ASP A 433 13.54 -5.29 -11.80
CA ASP A 433 13.25 -6.42 -10.92
C ASP A 433 11.91 -6.17 -10.22
N LEU A 434 10.82 -6.55 -10.88
CA LEU A 434 9.47 -6.36 -10.34
C LEU A 434 9.24 -7.10 -9.03
N SER A 435 10.07 -8.11 -8.76
CA SER A 435 9.95 -8.90 -7.54
C SER A 435 10.75 -8.38 -6.33
N HIS A 436 11.46 -7.27 -6.49
CA HIS A 436 12.30 -6.76 -5.40
C HIS A 436 11.71 -6.75 -4.00
N TYR A 437 10.55 -6.11 -3.84
CA TYR A 437 9.90 -6.02 -2.52
C TYR A 437 8.97 -7.21 -2.24
N SER A 438 9.11 -8.25 -3.04
CA SER A 438 8.30 -9.46 -2.92
C SER A 438 9.25 -10.62 -2.63
N ASP A 439 8.74 -11.85 -2.71
CA ASP A 439 9.56 -13.02 -2.46
C ASP A 439 10.22 -12.98 -1.09
N GLY A 440 9.50 -12.48 -0.09
CA GLY A 440 10.04 -12.42 1.26
C GLY A 440 10.98 -11.28 1.61
N TYR A 441 10.87 -10.16 0.92
CA TYR A 441 11.71 -9.01 1.24
C TYR A 441 11.49 -8.54 2.69
N TRP A 442 10.23 -8.36 3.05
CA TRP A 442 9.91 -7.86 4.38
C TRP A 442 10.42 -8.67 5.57
N PRO A 443 10.22 -10.00 5.57
CA PRO A 443 10.73 -10.76 6.72
C PRO A 443 12.23 -10.98 6.74
N THR A 444 12.93 -10.62 5.66
CA THR A 444 14.39 -10.82 5.59
C THR A 444 15.22 -9.54 5.56
N VAL A 445 14.60 -8.42 5.21
CA VAL A 445 15.33 -7.17 5.18
C VAL A 445 15.73 -6.83 6.63
N ASN A 446 16.93 -6.29 6.81
CA ASN A 446 17.41 -5.91 8.14
C ASN A 446 16.67 -4.63 8.52
N PRO A 447 15.70 -4.72 9.46
CA PRO A 447 14.89 -3.58 9.89
C PRO A 447 15.65 -2.38 10.47
N TYR A 448 16.91 -2.56 10.79
CA TYR A 448 17.72 -1.48 11.35
C TYR A 448 18.42 -0.64 10.27
N LYS A 449 18.38 -1.14 9.04
CA LYS A 449 19.04 -0.47 7.92
C LYS A 449 18.12 -0.22 6.73
N MET A 450 16.96 0.38 6.98
CA MET A 450 16.02 0.68 5.91
C MET A 450 16.66 1.71 5.00
N PRO A 451 16.63 1.47 3.66
CA PRO A 451 17.22 2.36 2.65
C PRO A 451 16.85 3.83 2.74
N GLY A 452 17.91 4.65 2.74
CA GLY A 452 17.75 6.10 2.80
C GLY A 452 17.77 6.65 4.22
N THR A 453 17.48 5.81 5.20
CA THR A 453 17.41 6.26 6.58
C THR A 453 18.71 6.55 7.34
N THR A 454 18.65 7.55 8.21
CA THR A 454 19.75 7.95 9.06
C THR A 454 19.30 7.56 10.47
N GLU A 455 20.02 6.60 11.08
CA GLU A 455 19.69 6.12 12.42
C GLU A 455 20.92 5.70 13.22
N THR A 456 20.76 5.53 14.53
CA THR A 456 21.85 5.04 15.37
C THR A 456 21.59 3.54 15.44
N ASP A 457 22.56 2.78 15.93
CA ASP A 457 22.40 1.32 16.00
C ASP A 457 21.78 0.81 17.29
N ALA A 458 21.10 1.69 18.02
CA ALA A 458 20.47 1.28 19.26
C ALA A 458 19.46 0.16 18.96
N LYS A 459 19.39 -0.81 19.86
CA LYS A 459 18.46 -1.91 19.70
C LYS A 459 17.04 -1.37 19.81
N ARG A 460 16.11 -2.00 19.11
CA ARG A 460 14.71 -1.59 19.16
C ARG A 460 13.82 -2.75 19.57
N ALA A 461 12.73 -2.43 20.26
CA ALA A 461 11.79 -3.42 20.73
C ALA A 461 10.61 -3.63 19.78
N ASP A 462 10.19 -4.89 19.64
CA ASP A 462 9.07 -5.25 18.79
C ASP A 462 7.77 -4.68 19.35
N SER A 463 7.70 -4.56 20.67
CA SER A 463 6.51 -4.04 21.33
C SER A 463 6.26 -2.55 21.15
N ASP A 464 7.24 -1.83 20.59
CA ASP A 464 7.10 -0.39 20.37
C ASP A 464 5.97 -0.11 19.38
N THR A 465 5.46 1.13 19.39
CA THR A 465 4.40 1.50 18.45
C THR A 465 4.81 2.84 17.80
N GLY A 466 4.11 3.23 16.74
CA GLY A 466 4.45 4.47 16.03
C GLY A 466 4.34 5.76 16.82
N LYS A 467 4.95 6.82 16.26
CA LYS A 467 4.94 8.16 16.86
C LYS A 467 4.86 9.21 15.75
N VAL A 468 4.53 10.45 16.10
CA VAL A 468 4.51 11.50 15.10
C VAL A 468 5.86 12.17 15.23
N LEU A 469 6.22 13.01 14.26
CA LEU A 469 7.50 13.69 14.31
C LEU A 469 7.37 15.03 15.02
N PRO A 470 8.38 15.42 15.79
CA PRO A 470 8.30 16.70 16.49
C PRO A 470 8.09 17.88 15.56
N SER A 471 8.74 17.84 14.39
CA SER A 471 8.68 18.92 13.41
C SER A 471 7.63 18.79 12.33
N ALA A 472 7.12 19.95 11.89
CA ALA A 472 6.11 20.00 10.84
C ALA A 472 6.79 20.33 9.51
N PHE A 473 8.11 20.56 9.55
CA PHE A 473 8.88 20.91 8.36
C PHE A 473 9.24 19.66 7.56
N VAL A 474 8.24 19.14 6.89
CA VAL A 474 8.35 17.94 6.08
C VAL A 474 7.41 18.17 4.90
N GLY A 475 7.94 18.11 3.68
CA GLY A 475 7.09 18.35 2.54
C GLY A 475 7.79 18.36 1.20
N THR A 476 6.98 18.29 0.14
CA THR A 476 7.46 18.26 -1.23
C THR A 476 6.88 19.39 -2.08
N SER A 477 7.76 20.07 -2.79
CA SER A 477 7.38 21.15 -3.68
C SER A 477 7.55 20.58 -5.09
N LYS A 478 6.45 20.37 -5.79
CA LYS A 478 6.51 19.82 -7.13
C LYS A 478 6.48 20.90 -8.19
N LEU A 479 7.39 20.82 -9.15
CA LEU A 479 7.41 21.81 -10.24
C LEU A 479 6.57 21.31 -11.42
N ASP A 480 6.81 20.06 -11.82
CA ASP A 480 6.10 19.43 -12.92
C ASP A 480 6.10 17.92 -12.76
N ASP A 481 5.77 17.19 -13.83
CA ASP A 481 5.69 15.73 -13.81
C ASP A 481 7.02 15.02 -13.60
N ALA A 482 8.13 15.73 -13.70
CA ALA A 482 9.44 15.09 -13.56
C ALA A 482 10.38 15.67 -12.50
N ASN A 483 10.08 16.88 -12.01
CA ASN A 483 10.94 17.54 -11.04
C ASN A 483 10.19 17.97 -9.79
N ALA A 484 10.79 17.70 -8.63
CA ALA A 484 10.21 18.06 -7.35
C ALA A 484 11.33 17.99 -6.32
N THR A 485 11.14 18.70 -5.20
CA THR A 485 12.13 18.73 -4.13
C THR A 485 11.43 18.45 -2.81
N ALA A 486 12.11 17.73 -1.92
CA ALA A 486 11.51 17.41 -0.64
C ALA A 486 12.50 17.53 0.52
N THR A 487 11.98 17.74 1.72
CA THR A 487 12.83 17.82 2.90
C THR A 487 12.13 17.23 4.12
N MET A 488 12.91 16.87 5.13
CA MET A 488 12.38 16.31 6.36
C MET A 488 13.27 16.72 7.54
N ASP A 489 12.73 17.60 8.39
CA ASP A 489 13.45 18.06 9.59
C ASP A 489 13.44 16.87 10.54
N PHE A 490 14.32 15.92 10.28
CA PHE A 490 14.41 14.67 11.02
C PHE A 490 15.02 14.66 12.42
N THR A 491 14.35 13.92 13.29
CA THR A 491 14.79 13.70 14.67
C THR A 491 14.41 12.24 14.86
N ASN A 492 15.31 11.42 15.39
CA ASN A 492 14.96 10.02 15.54
C ASN A 492 14.03 9.75 16.73
N TRP A 493 13.62 8.49 16.86
CA TRP A 493 12.67 8.04 17.89
C TRP A 493 12.91 8.46 19.35
N ASN A 494 14.16 8.47 19.79
CA ASN A 494 14.47 8.84 21.16
C ASN A 494 15.21 10.16 21.27
N GLN A 495 14.99 11.02 20.28
CA GLN A 495 15.62 12.33 20.23
C GLN A 495 17.10 12.34 20.61
N THR A 496 17.89 11.51 19.94
CA THR A 496 19.33 11.46 20.18
C THR A 496 20.08 11.78 18.88
N LEU A 497 19.33 11.93 17.79
CA LEU A 497 19.94 12.21 16.49
C LEU A 497 19.05 13.08 15.62
N THR A 498 19.67 14.00 14.87
CA THR A 498 18.93 14.88 13.96
C THR A 498 19.63 14.89 12.62
N ALA A 499 18.93 15.38 11.60
CA ALA A 499 19.48 15.48 10.26
C ALA A 499 18.50 16.20 9.36
N HIS A 500 19.02 17.15 8.60
CA HIS A 500 18.20 17.87 7.64
C HIS A 500 18.30 17.00 6.40
N LYS A 501 17.33 16.10 6.22
CA LYS A 501 17.36 15.22 5.07
C LYS A 501 16.57 15.84 3.93
N SER A 502 17.15 15.85 2.74
CA SER A 502 16.49 16.42 1.58
C SER A 502 16.68 15.55 0.34
N TRP A 503 15.74 15.68 -0.58
CA TRP A 503 15.77 14.91 -1.81
C TRP A 503 15.45 15.83 -2.98
N PHE A 504 16.18 15.64 -4.06
CA PHE A 504 16.01 16.45 -5.24
C PHE A 504 15.72 15.54 -6.42
N MET A 505 14.43 15.39 -6.72
CA MET A 505 13.98 14.56 -7.82
C MET A 505 14.12 15.35 -9.13
N LEU A 506 15.10 14.96 -9.93
CA LEU A 506 15.40 15.62 -11.19
C LEU A 506 15.25 14.76 -12.44
N LYS A 507 14.01 14.40 -12.74
CA LYS A 507 13.64 13.59 -13.91
C LYS A 507 14.15 12.15 -14.01
N ASP A 508 15.46 11.98 -14.22
CA ASP A 508 16.05 10.66 -14.38
C ASP A 508 17.01 10.27 -13.27
N LYS A 509 16.94 10.99 -12.15
CA LYS A 509 17.83 10.73 -11.03
C LYS A 509 17.28 11.43 -9.79
N ILE A 510 17.80 11.05 -8.62
CA ILE A 510 17.37 11.67 -7.38
C ILE A 510 18.60 11.93 -6.51
N ALA A 511 18.74 13.17 -6.06
CA ALA A 511 19.87 13.50 -5.22
C ALA A 511 19.41 13.39 -3.76
N PHE A 512 20.27 12.82 -2.92
CA PHE A 512 19.98 12.67 -1.50
C PHE A 512 20.96 13.56 -0.76
N LEU A 513 20.45 14.53 -0.03
CA LEU A 513 21.32 15.41 0.73
C LEU A 513 20.94 15.37 2.20
N GLY A 514 21.94 15.33 3.06
CA GLY A 514 21.71 15.31 4.49
C GLY A 514 22.77 16.15 5.15
N SER A 515 22.35 17.07 6.01
CA SER A 515 23.31 17.93 6.69
C SER A 515 22.90 18.08 8.15
N ASN A 516 23.74 18.78 8.92
CA ASN A 516 23.47 19.01 10.33
C ASN A 516 23.21 17.68 11.06
N ILE A 517 24.02 16.66 10.76
CA ILE A 517 23.84 15.38 11.40
C ILE A 517 24.52 15.42 12.77
N GLN A 518 23.71 15.31 13.82
CA GLN A 518 24.18 15.35 15.19
C GLN A 518 23.72 14.14 15.99
N ASN A 519 24.58 13.66 16.87
CA ASN A 519 24.29 12.49 17.69
C ASN A 519 24.77 12.73 19.12
N THR A 520 23.84 12.72 20.07
CA THR A 520 24.16 12.95 21.47
C THR A 520 24.24 11.65 22.29
N SER A 521 23.89 10.52 21.67
CA SER A 521 23.92 9.21 22.33
C SER A 521 25.30 8.55 22.25
N THR A 522 25.40 7.34 22.78
CA THR A 522 26.66 6.61 22.75
C THR A 522 26.70 5.62 21.62
N ASP A 523 25.55 5.42 20.97
CA ASP A 523 25.44 4.49 19.85
C ASP A 523 26.01 5.14 18.60
N THR A 524 26.34 4.33 17.59
CA THR A 524 26.88 4.85 16.35
C THR A 524 25.78 5.22 15.36
N ALA A 525 26.02 6.27 14.59
CA ALA A 525 25.04 6.73 13.61
C ALA A 525 25.57 6.45 12.22
N ALA A 526 24.66 6.20 11.30
CA ALA A 526 25.03 5.94 9.92
C ALA A 526 23.78 6.03 9.07
N THR A 527 23.95 6.39 7.81
CA THR A 527 22.84 6.47 6.88
C THR A 527 22.94 5.27 5.94
N THR A 528 21.82 4.59 5.73
CA THR A 528 21.83 3.44 4.82
C THR A 528 21.59 4.00 3.42
N ILE A 529 22.60 3.91 2.57
CA ILE A 529 22.50 4.41 1.21
C ILE A 529 21.59 3.47 0.45
N ASP A 530 21.67 2.20 0.78
CA ASP A 530 20.81 1.20 0.16
C ASP A 530 20.95 -0.16 0.83
N GLN A 531 19.93 -0.97 0.63
CA GLN A 531 19.88 -2.34 1.10
C GLN A 531 18.99 -2.93 0.00
N ARG A 532 19.64 -3.44 -1.04
CA ARG A 532 18.94 -3.98 -2.19
C ARG A 532 18.87 -5.52 -2.18
N LYS A 533 17.66 -6.04 -2.42
CA LYS A 533 17.47 -7.48 -2.44
C LYS A 533 17.91 -7.97 -3.80
N LEU A 534 18.79 -8.96 -3.82
CA LEU A 534 19.32 -9.49 -5.08
C LEU A 534 18.56 -10.68 -5.67
N GLU A 535 18.85 -10.96 -6.94
CA GLU A 535 18.28 -12.07 -7.68
C GLU A 535 19.46 -13.00 -7.99
N SER A 536 19.40 -14.24 -7.55
CA SER A 536 20.53 -15.14 -7.82
C SER A 536 20.69 -15.35 -9.31
N SER A 537 19.63 -15.09 -10.06
CA SER A 537 19.66 -15.26 -11.51
C SER A 537 20.38 -14.10 -12.21
N ASN A 538 20.09 -12.87 -11.80
CA ASN A 538 20.71 -11.67 -12.38
C ASN A 538 21.71 -11.09 -11.39
N PRO A 539 22.87 -11.72 -11.23
CA PRO A 539 23.84 -11.19 -10.29
C PRO A 539 24.33 -9.80 -10.69
N TYR A 540 24.80 -9.05 -9.70
CA TYR A 540 25.33 -7.71 -9.91
C TYR A 540 26.84 -7.76 -9.91
N LYS A 541 27.46 -6.95 -10.77
CA LYS A 541 28.90 -6.83 -10.81
C LYS A 541 29.07 -5.45 -10.18
N VAL A 542 29.79 -5.40 -9.06
CA VAL A 542 29.96 -4.14 -8.35
C VAL A 542 31.25 -3.40 -8.66
N TYR A 543 31.12 -2.10 -8.87
CA TYR A 543 32.27 -1.24 -9.15
C TYR A 543 32.31 -0.11 -8.14
N VAL A 544 33.52 0.25 -7.72
CA VAL A 544 33.71 1.37 -6.82
C VAL A 544 34.72 2.20 -7.55
N ASN A 545 34.38 3.45 -7.83
CA ASN A 545 35.26 4.34 -8.56
C ASN A 545 35.61 3.71 -9.91
N ASP A 546 34.64 3.03 -10.50
CA ASP A 546 34.77 2.38 -11.81
C ASP A 546 35.65 1.12 -11.86
N LYS A 547 36.14 0.67 -10.70
CA LYS A 547 36.96 -0.52 -10.65
C LYS A 547 36.15 -1.62 -9.99
N GLU A 548 36.17 -2.82 -10.56
CA GLU A 548 35.42 -3.91 -10.00
C GLU A 548 35.78 -4.21 -8.56
N ALA A 549 34.75 -4.43 -7.75
CA ALA A 549 34.92 -4.73 -6.34
C ALA A 549 34.22 -6.05 -6.03
N SER A 550 34.84 -6.84 -5.15
CA SER A 550 34.26 -8.12 -4.77
C SER A 550 33.71 -8.01 -3.36
N LEU A 551 32.39 -7.96 -3.25
CA LEU A 551 31.72 -7.83 -1.97
C LEU A 551 31.61 -9.16 -1.22
N THR A 552 31.83 -9.09 0.09
CA THR A 552 31.77 -10.26 0.94
C THR A 552 30.68 -10.08 1.97
N GLU A 553 30.46 -11.11 2.76
CA GLU A 553 29.47 -11.08 3.82
C GLU A 553 29.92 -10.07 4.86
N GLN A 554 31.24 -9.98 5.04
CA GLN A 554 31.84 -9.06 6.00
C GLN A 554 31.96 -7.68 5.37
N GLU A 555 31.71 -6.65 6.16
CA GLU A 555 31.76 -5.26 5.68
C GLU A 555 33.15 -4.82 5.28
N LYS A 556 33.23 -4.21 4.10
CA LYS A 556 34.50 -3.72 3.59
C LYS A 556 34.37 -2.20 3.52
N ASP A 557 35.44 -1.49 3.87
CA ASP A 557 35.40 -0.04 3.84
C ASP A 557 35.96 0.51 2.53
N TYR A 558 35.26 1.51 1.98
CA TYR A 558 35.69 2.13 0.75
C TYR A 558 35.82 3.63 0.99
N PRO A 559 36.99 4.07 1.47
CA PRO A 559 37.18 5.50 1.73
C PRO A 559 37.49 6.19 0.40
N GLU A 560 37.24 7.50 0.35
CA GLU A 560 37.48 8.29 -0.85
C GLU A 560 36.66 7.77 -2.04
N THR A 561 35.45 7.32 -1.78
CA THR A 561 34.58 6.81 -2.83
C THR A 561 33.90 7.96 -3.56
N GLN A 562 33.99 7.98 -4.89
CA GLN A 562 33.36 9.02 -5.68
C GLN A 562 32.12 8.42 -6.33
N SER A 563 32.13 7.10 -6.53
CA SER A 563 31.00 6.42 -7.17
C SER A 563 30.92 4.92 -6.91
N VAL A 564 29.70 4.40 -6.99
CA VAL A 564 29.46 2.97 -6.85
C VAL A 564 28.46 2.64 -7.94
N PHE A 565 28.68 1.54 -8.65
CA PHE A 565 27.78 1.16 -9.72
C PHE A 565 27.42 -0.33 -9.64
N LEU A 566 26.14 -0.60 -9.66
CA LEU A 566 25.64 -1.97 -9.62
C LEU A 566 25.24 -2.29 -11.04
N GLU A 567 26.06 -3.13 -11.68
CA GLU A 567 25.85 -3.53 -13.06
C GLU A 567 25.19 -4.89 -13.25
N SER A 568 24.06 -4.88 -13.96
CA SER A 568 23.30 -6.09 -14.23
C SER A 568 23.34 -6.31 -15.73
N SER A 569 22.91 -7.49 -16.18
CA SER A 569 22.91 -7.78 -17.61
C SER A 569 21.76 -6.99 -18.20
N ASP A 570 20.79 -6.65 -17.37
CA ASP A 570 19.64 -5.87 -17.79
C ASP A 570 19.86 -4.43 -17.32
N SER A 571 20.11 -3.52 -18.25
CA SER A 571 20.35 -2.13 -17.88
C SER A 571 19.21 -1.51 -17.08
N LYS A 572 17.99 -2.04 -17.23
CA LYS A 572 16.85 -1.51 -16.50
C LYS A 572 16.86 -1.94 -15.03
N LYS A 573 17.97 -2.55 -14.59
CA LYS A 573 18.13 -2.96 -13.19
C LYS A 573 19.38 -2.30 -12.59
N ASN A 574 20.10 -1.56 -13.43
CA ASN A 574 21.31 -0.89 -12.99
C ASN A 574 21.03 0.22 -11.98
N ILE A 575 21.94 0.36 -11.03
CA ILE A 575 21.82 1.40 -10.01
C ILE A 575 23.18 2.00 -9.78
N GLY A 576 23.27 3.32 -9.96
CA GLY A 576 24.54 4.00 -9.73
C GLY A 576 24.37 5.04 -8.64
N TYR A 577 25.44 5.30 -7.90
CA TYR A 577 25.41 6.31 -6.85
C TYR A 577 26.63 7.19 -7.05
N PHE A 578 26.40 8.47 -7.27
CA PHE A 578 27.50 9.41 -7.47
C PHE A 578 27.60 10.30 -6.24
N PHE A 579 28.75 10.26 -5.57
CA PHE A 579 28.98 11.08 -4.38
C PHE A 579 29.60 12.41 -4.80
N PHE A 580 28.86 13.50 -4.59
CA PHE A 580 29.30 14.84 -4.96
C PHE A 580 30.68 15.14 -4.43
N LYS A 581 30.96 14.67 -3.21
CA LYS A 581 32.25 14.84 -2.59
C LYS A 581 32.70 13.44 -2.19
N LYS A 582 33.97 13.12 -2.41
CA LYS A 582 34.46 11.80 -2.05
C LYS A 582 33.97 11.48 -0.65
N SER A 583 33.39 10.31 -0.46
CA SER A 583 32.85 9.93 0.83
C SER A 583 33.34 8.58 1.32
N SER A 584 33.30 8.39 2.63
CA SER A 584 33.73 7.15 3.24
C SER A 584 32.54 6.24 3.50
N ILE A 585 32.42 5.21 2.67
CA ILE A 585 31.32 4.26 2.78
C ILE A 585 31.84 2.85 3.04
N SER A 586 30.91 1.96 3.39
CA SER A 586 31.22 0.55 3.63
C SER A 586 30.14 -0.27 2.92
N MET A 587 30.50 -1.44 2.41
CA MET A 587 29.51 -2.25 1.71
C MET A 587 29.64 -3.71 2.04
N SER A 588 28.56 -4.44 1.80
CA SER A 588 28.55 -5.86 2.08
C SER A 588 27.40 -6.54 1.34
N LYS A 589 27.59 -7.83 1.08
CA LYS A 589 26.60 -8.65 0.40
C LYS A 589 26.46 -9.89 1.29
N ALA A 590 25.31 -10.04 1.93
CA ALA A 590 25.11 -11.18 2.82
C ALA A 590 23.72 -11.79 2.76
N LEU A 591 23.67 -13.11 2.99
CA LEU A 591 22.41 -13.82 2.98
C LEU A 591 21.74 -13.50 4.30
N GLN A 592 20.52 -13.00 4.22
CA GLN A 592 19.79 -12.63 5.42
C GLN A 592 18.57 -13.53 5.59
N LYS A 593 18.44 -14.14 6.75
CA LYS A 593 17.33 -15.04 7.03
C LYS A 593 16.36 -14.48 8.05
N GLY A 594 15.13 -15.00 8.02
CA GLY A 594 14.12 -14.55 8.95
C GLY A 594 12.80 -15.20 8.60
N ALA A 595 11.76 -14.91 9.36
CA ALA A 595 10.45 -15.49 9.09
C ALA A 595 9.38 -14.43 9.22
N TRP A 596 8.29 -14.63 8.49
CA TRP A 596 7.16 -13.69 8.52
C TRP A 596 6.62 -13.51 9.94
N LYS A 597 6.70 -14.56 10.75
CA LYS A 597 6.21 -14.49 12.12
C LYS A 597 7.06 -13.54 12.96
N ASP A 598 8.30 -13.31 12.54
CA ASP A 598 9.17 -12.39 13.26
C ASP A 598 8.57 -10.98 13.25
N ILE A 599 7.92 -10.64 12.14
CA ILE A 599 7.34 -9.31 11.98
C ILE A 599 5.82 -9.28 12.10
N ASN A 600 5.20 -10.45 12.16
CA ASN A 600 3.76 -10.57 12.28
C ASN A 600 3.49 -11.90 12.96
N GLU A 601 3.09 -11.83 14.23
CA GLU A 601 2.82 -13.01 15.03
C GLU A 601 1.92 -14.05 14.38
N GLY A 602 0.92 -13.58 13.64
CA GLY A 602 -0.01 -14.48 12.98
C GLY A 602 0.49 -15.13 11.69
N GLN A 603 1.74 -14.89 11.32
CA GLN A 603 2.30 -15.48 10.12
C GLN A 603 3.18 -16.69 10.40
N SER A 604 3.55 -17.41 9.34
CA SER A 604 4.38 -18.61 9.43
C SER A 604 5.77 -18.36 9.98
N ASP A 605 6.26 -19.32 10.77
CA ASP A 605 7.61 -19.18 11.32
C ASP A 605 8.60 -19.95 10.46
N LYS A 606 8.17 -20.27 9.25
CA LYS A 606 9.02 -20.98 8.29
C LYS A 606 10.15 -20.05 7.88
N GLU A 607 11.38 -20.57 7.86
CA GLU A 607 12.52 -19.76 7.48
C GLU A 607 12.47 -19.30 6.03
N VAL A 608 12.78 -18.03 5.83
CA VAL A 608 12.81 -17.42 4.52
C VAL A 608 14.19 -16.78 4.42
N GLU A 609 14.74 -16.67 3.21
CA GLU A 609 16.05 -16.07 3.07
C GLU A 609 16.28 -15.41 1.72
N ASN A 610 17.05 -14.32 1.73
CA ASN A 610 17.38 -13.57 0.53
C ASN A 610 18.73 -12.91 0.69
N GLU A 611 19.38 -12.66 -0.44
CA GLU A 611 20.68 -12.03 -0.48
C GLU A 611 20.48 -10.52 -0.57
N PHE A 612 21.18 -9.77 0.26
CA PHE A 612 21.06 -8.30 0.24
C PHE A 612 22.41 -7.61 0.11
N LEU A 613 22.44 -6.54 -0.67
CA LEU A 613 23.64 -5.76 -0.83
C LEU A 613 23.34 -4.49 -0.04
N THR A 614 24.16 -4.21 0.97
CA THR A 614 23.98 -3.04 1.82
C THR A 614 25.13 -2.05 1.69
N ILE A 615 24.77 -0.79 1.51
CA ILE A 615 25.73 0.30 1.39
C ILE A 615 25.40 1.31 2.49
N SER A 616 26.39 1.72 3.28
CA SER A 616 26.11 2.68 4.33
C SER A 616 27.27 3.63 4.56
N GLN A 617 26.96 4.78 5.15
CA GLN A 617 27.96 5.81 5.45
C GLN A 617 27.82 6.19 6.91
N ALA A 618 28.87 5.96 7.69
CA ALA A 618 28.87 6.29 9.10
C ALA A 618 29.02 7.79 9.33
N HIS A 619 28.47 8.26 10.45
CA HIS A 619 28.54 9.67 10.83
C HIS A 619 29.11 9.73 12.24
N LYS A 620 30.44 9.90 12.32
CA LYS A 620 31.12 9.92 13.60
C LYS A 620 31.26 11.27 14.27
N GLN A 621 31.03 12.35 13.53
CA GLN A 621 31.15 13.69 14.11
C GLN A 621 29.85 14.51 13.99
N ASN A 622 29.69 15.51 14.86
CA ASN A 622 28.52 16.38 14.83
C ASN A 622 28.70 17.34 13.67
N GLY A 623 27.62 17.58 12.94
CA GLY A 623 27.69 18.47 11.79
C GLY A 623 28.09 17.69 10.55
N ASP A 624 27.99 16.37 10.63
CA ASP A 624 28.34 15.52 9.50
C ASP A 624 27.28 15.68 8.44
N SER A 625 27.55 15.14 7.26
CA SER A 625 26.62 15.24 6.14
C SER A 625 26.86 14.12 5.13
N TYR A 626 25.93 13.98 4.19
CA TYR A 626 26.05 13.01 3.11
C TYR A 626 25.44 13.65 1.88
N GLY A 627 25.89 13.22 0.71
CA GLY A 627 25.37 13.79 -0.52
C GLY A 627 25.74 12.96 -1.72
N TYR A 628 24.73 12.40 -2.38
CA TYR A 628 24.98 11.58 -3.55
C TYR A 628 23.77 11.60 -4.47
N MET A 629 23.99 11.23 -5.72
CA MET A 629 22.94 11.19 -6.72
C MET A 629 22.63 9.73 -7.07
N LEU A 630 21.36 9.37 -7.05
CA LEU A 630 20.97 8.02 -7.41
C LEU A 630 20.56 8.07 -8.86
N ILE A 631 21.30 7.34 -9.70
CA ILE A 631 21.04 7.28 -11.16
C ILE A 631 20.78 5.84 -11.59
N PRO A 632 19.50 5.46 -11.75
CA PRO A 632 19.16 4.11 -12.18
C PRO A 632 18.97 3.96 -13.70
N ASN A 633 18.88 2.70 -14.15
CA ASN A 633 18.63 2.36 -15.54
C ASN A 633 19.51 2.90 -16.68
N VAL A 634 20.79 3.17 -16.43
CA VAL A 634 21.68 3.61 -17.49
C VAL A 634 22.83 2.63 -17.44
N ASP A 635 23.54 2.42 -18.55
CA ASP A 635 24.64 1.47 -18.51
C ASP A 635 25.89 2.09 -17.90
N ARG A 636 26.95 1.30 -17.76
CA ARG A 636 28.19 1.78 -17.15
C ARG A 636 28.77 3.03 -17.77
N ALA A 637 29.01 3.01 -19.08
CA ALA A 637 29.59 4.17 -19.77
C ALA A 637 28.71 5.40 -19.63
N THR A 638 27.39 5.22 -19.73
CA THR A 638 26.47 6.35 -19.60
C THR A 638 26.55 6.93 -18.19
N PHE A 639 26.58 6.06 -17.16
CA PHE A 639 26.67 6.52 -15.79
C PHE A 639 27.96 7.32 -15.60
N ASN A 640 29.06 6.79 -16.12
CA ASN A 640 30.37 7.45 -16.00
C ASN A 640 30.38 8.81 -16.68
N GLN A 641 29.68 8.91 -17.79
CA GLN A 641 29.60 10.17 -18.53
C GLN A 641 28.72 11.17 -17.78
N MET A 642 27.66 10.66 -17.17
CA MET A 642 26.72 11.48 -16.42
C MET A 642 27.33 12.09 -15.16
N ILE A 643 28.16 11.34 -14.44
CA ILE A 643 28.77 11.89 -13.23
C ILE A 643 29.77 12.99 -13.51
N LYS A 644 30.28 13.06 -14.74
CA LYS A 644 31.19 14.11 -15.13
C LYS A 644 30.33 15.34 -15.37
N GLU A 645 29.15 15.13 -15.96
CA GLU A 645 28.21 16.21 -16.21
C GLU A 645 27.74 16.83 -14.89
N LEU A 646 27.53 15.97 -13.89
CA LEU A 646 27.05 16.39 -12.59
C LEU A 646 28.15 16.85 -11.64
N GLU A 647 29.38 16.90 -12.16
CA GLU A 647 30.54 17.30 -11.37
C GLU A 647 30.29 18.48 -10.44
N SER A 648 29.59 19.48 -10.95
CA SER A 648 29.30 20.66 -10.14
C SER A 648 27.81 20.85 -9.86
N SER A 649 27.07 19.75 -9.74
CA SER A 649 25.64 19.82 -9.48
C SER A 649 25.30 20.20 -8.03
N LEU A 650 26.21 19.92 -7.09
CA LEU A 650 25.97 20.28 -5.69
C LEU A 650 26.27 21.77 -5.48
N ILE A 651 25.23 22.54 -5.20
CA ILE A 651 25.35 23.99 -4.96
C ILE A 651 25.71 24.29 -3.50
N GLU A 652 25.05 23.60 -2.58
CA GLU A 652 25.27 23.78 -1.14
C GLU A 652 24.63 22.64 -0.37
N ASN A 653 25.17 22.33 0.81
CA ASN A 653 24.62 21.29 1.65
C ASN A 653 25.07 21.50 3.10
N ASN A 654 24.50 22.52 3.74
CA ASN A 654 24.83 22.86 5.12
C ASN A 654 23.59 22.90 6.01
N GLU A 655 23.75 23.42 7.22
CA GLU A 655 22.67 23.50 8.19
C GLU A 655 21.47 24.39 7.82
N THR A 656 21.66 25.30 6.87
CA THR A 656 20.57 26.20 6.49
C THR A 656 20.17 26.10 5.02
N LEU A 657 21.07 25.60 4.18
CA LEU A 657 20.78 25.51 2.76
C LEU A 657 21.28 24.22 2.10
N GLN A 658 20.43 23.64 1.27
CA GLN A 658 20.74 22.41 0.53
C GLN A 658 20.15 22.62 -0.85
N SER A 659 20.99 22.51 -1.88
CA SER A 659 20.51 22.71 -3.24
C SER A 659 21.31 21.91 -4.25
N VAL A 660 20.65 21.45 -5.30
CA VAL A 660 21.30 20.69 -6.36
C VAL A 660 20.84 21.33 -7.66
N TYR A 661 21.73 21.44 -8.63
CA TYR A 661 21.42 22.06 -9.90
C TYR A 661 21.59 21.09 -11.05
N ASP A 662 20.57 21.01 -11.91
CA ASP A 662 20.58 20.14 -13.09
C ASP A 662 20.85 21.03 -14.31
N ALA A 663 22.12 21.18 -14.66
CA ALA A 663 22.53 22.03 -15.80
C ALA A 663 21.86 21.64 -17.11
N LYS A 664 21.76 20.34 -17.36
CA LYS A 664 21.13 19.85 -18.59
C LYS A 664 19.69 20.30 -18.65
N GLN A 665 18.99 20.19 -17.53
CA GLN A 665 17.59 20.59 -17.48
C GLN A 665 17.36 22.06 -17.22
N GLY A 666 18.33 22.68 -16.52
CA GLY A 666 18.20 24.08 -16.18
C GLY A 666 17.23 24.14 -15.00
N VAL A 667 17.33 23.15 -14.12
CA VAL A 667 16.45 23.05 -12.96
C VAL A 667 17.24 23.03 -11.67
N TRP A 668 16.72 23.78 -10.69
CA TRP A 668 17.31 23.89 -9.36
C TRP A 668 16.36 23.31 -8.33
N GLY A 669 16.91 22.59 -7.36
CA GLY A 669 16.15 22.05 -6.26
C GLY A 669 16.73 22.76 -5.06
N ILE A 670 15.91 23.38 -4.22
CA ILE A 670 16.44 24.10 -3.05
C ILE A 670 15.61 23.94 -1.79
N VAL A 671 16.28 23.77 -0.66
CA VAL A 671 15.59 23.68 0.60
C VAL A 671 16.27 24.70 1.52
N LYS A 672 15.48 25.60 2.10
CA LYS A 672 16.00 26.63 2.99
C LYS A 672 15.41 26.44 4.38
N TYR A 673 16.25 26.40 5.41
CA TYR A 673 15.75 26.21 6.77
C TYR A 673 15.54 27.52 7.53
N ASP A 674 15.90 28.66 6.93
CA ASP A 674 15.69 29.95 7.56
C ASP A 674 15.39 31.03 6.52
N ASP A 675 15.08 32.24 6.98
CA ASP A 675 14.71 33.32 6.06
C ASP A 675 15.82 34.22 5.54
N SER A 676 17.06 33.74 5.54
CA SER A 676 18.17 34.55 5.03
C SER A 676 18.07 34.68 3.51
N VAL A 677 18.84 35.60 2.93
CA VAL A 677 18.83 35.77 1.49
C VAL A 677 19.85 34.79 0.91
N SER A 678 19.37 33.85 0.12
CA SER A 678 20.23 32.84 -0.50
C SER A 678 20.39 33.16 -1.98
N THR A 679 21.63 33.43 -2.41
CA THR A 679 21.89 33.72 -3.81
C THR A 679 22.29 32.40 -4.48
N ILE A 680 21.60 32.06 -5.56
CA ILE A 680 21.88 30.79 -6.23
C ILE A 680 22.50 30.93 -7.61
N SER A 681 23.61 30.24 -7.82
CA SER A 681 24.32 30.24 -9.09
C SER A 681 24.49 31.63 -9.71
N ASN A 682 24.57 32.66 -8.86
CA ASN A 682 24.73 34.04 -9.30
C ASN A 682 23.66 34.42 -10.33
N GLN A 683 22.48 33.83 -10.19
CA GLN A 683 21.38 34.09 -11.11
C GLN A 683 20.12 34.60 -10.44
N PHE A 684 19.82 34.11 -9.24
CA PHE A 684 18.64 34.55 -8.53
C PHE A 684 18.78 34.38 -7.04
N GLN A 685 17.78 34.85 -6.31
CA GLN A 685 17.77 34.75 -4.87
C GLN A 685 16.45 34.16 -4.39
N VAL A 686 16.52 33.28 -3.40
CA VAL A 686 15.35 32.67 -2.81
C VAL A 686 15.38 33.30 -1.41
N LEU A 687 14.23 33.71 -0.90
CA LEU A 687 14.19 34.42 0.38
C LEU A 687 13.40 33.87 1.56
N LYS A 688 12.70 32.76 1.38
CA LYS A 688 11.89 32.22 2.45
C LYS A 688 12.25 30.79 2.82
N ARG A 689 12.14 30.48 4.12
CA ARG A 689 12.39 29.14 4.62
C ARG A 689 11.34 28.32 3.88
N GLY A 690 11.74 27.16 3.38
CA GLY A 690 10.82 26.31 2.64
C GLY A 690 11.50 25.49 1.56
N VAL A 691 10.68 24.90 0.69
CA VAL A 691 11.16 24.04 -0.39
C VAL A 691 10.89 24.61 -1.76
N TYR A 692 11.91 24.58 -2.61
CA TYR A 692 11.82 25.13 -3.95
C TYR A 692 12.22 24.18 -5.08
N THR A 693 11.56 24.36 -6.22
CA THR A 693 11.92 23.64 -7.45
C THR A 693 11.75 24.73 -8.50
N ILE A 694 12.87 25.14 -9.08
CA ILE A 694 12.91 26.22 -10.07
C ILE A 694 13.50 25.80 -11.40
N ARG A 695 12.89 26.27 -12.48
CA ARG A 695 13.37 25.97 -13.82
C ARG A 695 13.55 27.27 -14.60
N LYS A 696 14.68 27.36 -15.29
CA LYS A 696 14.96 28.53 -16.12
C LYS A 696 14.70 28.21 -17.59
N GLU A 697 13.88 29.03 -18.23
CA GLU A 697 13.54 28.90 -19.65
C GLU A 697 13.84 30.24 -20.29
N GLY A 698 15.06 30.39 -20.80
CA GLY A 698 15.47 31.64 -21.40
C GLY A 698 15.78 32.60 -20.26
N ASP A 699 15.03 33.69 -20.17
CA ASP A 699 15.23 34.67 -19.11
C ASP A 699 14.05 34.62 -18.12
N GLU A 700 13.13 33.69 -18.35
CA GLU A 700 11.99 33.53 -17.47
C GLU A 700 12.24 32.40 -16.50
N TYR A 701 11.74 32.54 -15.28
CA TYR A 701 11.92 31.52 -14.26
C TYR A 701 10.61 30.91 -13.78
N LYS A 702 10.50 29.60 -13.87
CA LYS A 702 9.31 28.90 -13.40
C LYS A 702 9.59 28.56 -11.94
N ILE A 703 8.71 29.04 -11.07
CA ILE A 703 8.88 28.84 -9.63
C ILE A 703 7.82 27.97 -8.98
N ALA A 704 8.27 27.01 -8.17
CA ALA A 704 7.38 26.14 -7.42
C ALA A 704 7.88 26.19 -5.98
N TYR A 705 7.15 26.90 -5.13
CA TYR A 705 7.52 27.06 -3.72
C TYR A 705 6.50 26.48 -2.76
N TYR A 706 7.00 25.81 -1.72
CA TYR A 706 6.13 25.20 -0.74
C TYR A 706 6.69 25.34 0.67
N ASN A 707 5.86 25.85 1.57
CA ASN A 707 6.24 25.97 2.96
C ASN A 707 5.57 24.77 3.61
N PRO A 708 6.35 23.71 3.93
CA PRO A 708 5.76 22.53 4.56
C PRO A 708 5.04 22.71 5.89
N GLU A 709 5.43 23.73 6.65
CA GLU A 709 4.81 23.96 7.96
C GLU A 709 3.40 24.50 7.87
N THR A 710 3.20 25.54 7.07
CA THR A 710 1.89 26.15 6.91
C THR A 710 1.11 25.44 5.82
N GLN A 711 1.78 24.58 5.06
CA GLN A 711 1.14 23.85 3.98
C GLN A 711 0.59 24.84 2.96
N GLU A 712 1.39 25.84 2.65
CA GLU A 712 1.02 26.88 1.70
C GLU A 712 2.18 27.32 0.80
N SER A 713 1.84 27.83 -0.37
CA SER A 713 2.83 28.35 -1.29
C SER A 713 2.89 29.84 -0.93
N ALA A 714 3.35 30.67 -1.85
CA ALA A 714 3.42 32.10 -1.58
C ALA A 714 3.68 32.88 -2.88
N PRO A 715 3.24 34.15 -2.93
CA PRO A 715 3.47 34.93 -4.16
C PRO A 715 4.96 34.89 -4.51
N ASP A 716 5.26 34.81 -5.80
CA ASP A 716 6.65 34.74 -6.25
C ASP A 716 7.55 35.82 -5.66
N GLN A 717 7.10 37.08 -5.71
CA GLN A 717 7.89 38.19 -5.20
C GLN A 717 8.25 38.05 -3.73
N GLU A 718 7.55 37.17 -3.04
CA GLU A 718 7.83 36.95 -1.63
C GLU A 718 8.99 35.99 -1.39
N VAL A 719 9.14 35.02 -2.28
CA VAL A 719 10.19 34.01 -2.13
C VAL A 719 11.32 33.98 -3.18
N PHE A 720 11.12 34.64 -4.32
CA PHE A 720 12.10 34.65 -5.40
C PHE A 720 12.45 36.07 -5.88
N LYS A 721 13.71 36.26 -6.22
CA LYS A 721 14.16 37.56 -6.67
C LYS A 721 15.18 37.47 -7.80
N LYS A 722 15.17 38.48 -8.68
CA LYS A 722 16.06 38.58 -9.83
C LYS A 722 15.59 37.70 -10.98
#